data_2VCX
#
_entry.id   2VCX
#
_cell.length_a   123.813
_cell.length_b   123.813
_cell.length_c   106.297
_cell.angle_alpha   90.00
_cell.angle_beta   90.00
_cell.angle_gamma   90.00
#
_symmetry.space_group_name_H-M   'I 41'
#
loop_
_entity.id
_entity.type
_entity.pdbx_description
1 polymer 'GLUTATHIONE-REQUIRING PROSTAGLANDIN D SYNTHASE'
2 non-polymer 'MAGNESIUM ION'
3 non-polymer GLUTATHIONE
4 non-polymer PHENYL-5-(1H-PYRAZOL-3-YL)-1,3-THIAZOLE
5 water water
#
_entity_poly.entity_id   1
_entity_poly.type   'polypeptide(L)'
_entity_poly.pdbx_seq_one_letter_code
;MPNYKLTYFNMRGRAEIIRYIFAYLDIQYEDHRIEQADWPEIKSTLPFGKIPILEVDGLTLHQSLAIARYLTKNTDLAGN
TEMEQCHVDAIVDTLDDFMSCFPWAEKKQDVKEQMFNELLTYNAPHLMQDLDTYLGGREWLIGNSVTWADFYWEICSTTL
LVFKPDLLDNHPRLVTLRKKVQAIPAVANWIKRRPQTKL
;
_entity_poly.pdbx_strand_id   A,B,C,D
#
loop_
_chem_comp.id
_chem_comp.type
_chem_comp.name
_chem_comp.formula
D26 non-polymer PHENYL-5-(1H-PYRAZOL-3-YL)-1,3-THIAZOLE 'C12 H9 N3 S'
GSH non-polymer GLUTATHIONE 'C10 H17 N3 O6 S'
MG non-polymer 'MAGNESIUM ION' 'Mg 2'
#
# COMPACT_ATOMS: atom_id res chain seq x y z
N PRO A 2 8.55 1.62 -44.99
CA PRO A 2 9.68 2.51 -45.11
C PRO A 2 10.98 1.85 -44.70
N ASN A 3 12.08 2.48 -45.07
CA ASN A 3 13.39 1.99 -44.70
C ASN A 3 13.71 2.55 -43.34
N TYR A 4 13.63 1.69 -42.32
CA TYR A 4 13.88 2.07 -40.96
C TYR A 4 15.24 1.60 -40.50
N LYS A 5 15.96 2.47 -39.79
CA LYS A 5 17.24 2.10 -39.20
C LYS A 5 17.30 2.58 -37.75
N LEU A 6 17.38 1.63 -36.83
CA LEU A 6 17.47 1.94 -35.40
C LEU A 6 18.93 1.92 -34.95
N THR A 7 19.37 2.97 -34.23
CA THR A 7 20.72 3.03 -33.71
C THR A 7 20.72 3.12 -32.18
N TYR A 8 21.49 2.23 -31.55
CA TYR A 8 21.62 2.23 -30.09
C TYR A 8 22.86 1.43 -29.66
N PHE A 9 23.09 1.35 -28.36
CA PHE A 9 24.18 0.50 -27.85
C PHE A 9 23.74 -0.96 -27.97
N ASN A 10 24.66 -1.89 -27.76
CA ASN A 10 24.34 -3.32 -27.74
C ASN A 10 23.78 -3.63 -26.36
N MET A 11 22.49 -3.40 -26.21
CA MET A 11 21.82 -3.65 -24.95
C MET A 11 20.36 -3.43 -25.24
N ARG A 12 19.50 -3.91 -24.34
CA ARG A 12 18.05 -3.73 -24.50
C ARG A 12 17.73 -2.25 -24.26
N GLY A 13 18.03 -1.80 -23.05
CA GLY A 13 17.86 -0.42 -22.62
C GLY A 13 16.64 0.32 -23.15
N ARG A 14 16.88 1.54 -23.63
CA ARG A 14 15.84 2.42 -24.15
C ARG A 14 15.38 2.10 -25.57
N ALA A 15 16.11 1.24 -26.27
CA ALA A 15 15.69 0.91 -27.60
C ALA A 15 14.77 -0.32 -27.65
N GLU A 16 14.78 -1.14 -26.61
CA GLU A 16 14.02 -2.39 -26.62
C GLU A 16 12.52 -2.21 -26.90
N ILE A 17 11.89 -1.19 -26.32
CA ILE A 17 10.45 -0.95 -26.59
C ILE A 17 10.19 -0.81 -28.10
N ILE A 18 11.07 -0.10 -28.81
CA ILE A 18 10.99 0.08 -30.25
C ILE A 18 11.18 -1.27 -30.95
N ARG A 19 12.11 -2.07 -30.46
CA ARG A 19 12.36 -3.40 -31.03
C ARG A 19 11.16 -4.35 -30.90
N TYR A 20 10.44 -4.28 -29.77
CA TYR A 20 9.24 -5.09 -29.55
C TYR A 20 8.15 -4.68 -30.49
N ILE A 21 8.01 -3.38 -30.69
CA ILE A 21 6.99 -2.82 -31.57
C ILE A 21 7.21 -3.23 -33.01
N PHE A 22 8.45 -3.09 -33.49
CA PHE A 22 8.81 -3.54 -34.82
C PHE A 22 8.47 -5.03 -35.01
N ALA A 23 8.92 -5.87 -34.07
CA ALA A 23 8.63 -7.34 -34.09
C ALA A 23 7.14 -7.66 -34.09
N TYR A 24 6.40 -7.03 -33.19
CA TYR A 24 4.97 -7.28 -33.05
C TYR A 24 4.18 -6.82 -34.27
N LEU A 25 4.55 -5.68 -34.84
CA LEU A 25 3.87 -5.16 -36.01
C LEU A 25 4.44 -5.73 -37.33
N ASP A 26 5.41 -6.65 -37.21
CA ASP A 26 6.05 -7.30 -38.37
C ASP A 26 6.53 -6.25 -39.37
N ILE A 27 7.28 -5.27 -38.85
CA ILE A 27 7.85 -4.18 -39.62
C ILE A 27 9.36 -4.41 -39.66
N GLN A 28 9.92 -4.51 -40.87
CA GLN A 28 11.35 -4.73 -41.05
C GLN A 28 12.14 -3.45 -40.76
N TYR A 29 13.32 -3.61 -40.17
CA TYR A 29 14.17 -2.48 -39.84
C TYR A 29 15.59 -3.01 -39.62
N GLU A 30 16.58 -2.12 -39.71
CA GLU A 30 17.96 -2.50 -39.45
C GLU A 30 18.24 -2.20 -37.98
N ASP A 31 18.63 -3.24 -37.24
CA ASP A 31 18.93 -3.10 -35.85
C ASP A 31 20.41 -2.81 -35.68
N HIS A 32 20.77 -1.56 -35.91
CA HIS A 32 22.17 -1.16 -35.77
C HIS A 32 22.56 -0.87 -34.33
N ARG A 33 23.55 -1.62 -33.85
CA ARG A 33 24.10 -1.44 -32.50
C ARG A 33 25.55 -0.99 -32.59
N ILE A 34 25.94 -0.04 -31.75
CA ILE A 34 27.29 0.51 -31.75
C ILE A 34 28.05 0.17 -30.49
N GLU A 35 29.37 0.30 -30.56
CA GLU A 35 30.24 0.11 -29.41
C GLU A 35 30.62 1.53 -29.03
N GLN A 36 31.18 1.74 -27.84
CA GLN A 36 31.61 3.10 -27.44
C GLN A 36 32.40 3.86 -28.52
N ALA A 37 33.40 3.20 -29.09
CA ALA A 37 34.27 3.77 -30.13
C ALA A 37 33.56 4.50 -31.29
N ASP A 38 32.39 4.01 -31.68
CA ASP A 38 31.62 4.62 -32.78
C ASP A 38 30.63 5.69 -32.27
N TRP A 39 30.68 5.95 -30.97
CA TRP A 39 29.76 6.88 -30.33
C TRP A 39 30.08 8.38 -30.57
N PRO A 40 31.28 8.86 -30.19
CA PRO A 40 31.64 10.28 -30.41
C PRO A 40 31.38 10.82 -31.82
N GLU A 41 31.62 10.03 -32.86
CA GLU A 41 31.38 10.48 -34.23
C GLU A 41 29.88 10.62 -34.50
N ILE A 42 29.14 9.57 -34.15
CA ILE A 42 27.70 9.53 -34.33
C ILE A 42 27.02 10.61 -33.49
N LYS A 43 27.43 10.74 -32.23
CA LYS A 43 26.86 11.73 -31.29
C LYS A 43 26.89 13.16 -31.88
N SER A 44 28.04 13.52 -32.45
CA SER A 44 28.29 14.79 -33.09
C SER A 44 27.28 15.13 -34.19
N THR A 45 26.71 14.10 -34.81
CA THR A 45 25.79 14.30 -35.93
C THR A 45 24.34 14.38 -35.49
N LEU A 46 24.13 14.15 -34.20
CA LEU A 46 22.78 14.13 -33.63
C LEU A 46 22.38 15.46 -33.03
N PRO A 47 21.24 16.00 -33.46
CA PRO A 47 20.69 17.25 -32.94
C PRO A 47 20.67 17.32 -31.40
N PHE A 48 20.41 16.20 -30.73
CA PHE A 48 20.35 16.20 -29.25
C PHE A 48 21.34 15.29 -28.54
N GLY A 49 22.27 14.74 -29.32
CA GLY A 49 23.34 13.91 -28.77
C GLY A 49 22.98 12.73 -27.91
N LYS A 50 21.80 12.15 -28.13
CA LYS A 50 21.39 10.98 -27.34
C LYS A 50 20.81 9.89 -28.21
N ILE A 51 20.93 8.64 -27.73
CA ILE A 51 20.31 7.48 -28.40
C ILE A 51 19.30 6.79 -27.47
N PRO A 52 18.33 6.05 -28.04
CA PRO A 52 18.22 5.74 -29.49
C PRO A 52 17.74 6.83 -30.44
N ILE A 53 17.97 6.58 -31.72
CA ILE A 53 17.44 7.40 -32.79
C ILE A 53 16.93 6.44 -33.83
N LEU A 54 15.96 6.89 -34.62
CA LEU A 54 15.43 6.08 -35.70
C LEU A 54 15.48 6.94 -36.94
N GLU A 55 15.99 6.38 -38.03
CA GLU A 55 16.01 7.06 -39.32
C GLU A 55 14.97 6.35 -40.18
N VAL A 56 14.07 7.14 -40.73
CA VAL A 56 12.98 6.67 -41.57
C VAL A 56 13.17 7.33 -42.92
N ASP A 57 13.66 6.56 -43.89
CA ASP A 57 13.91 7.08 -45.24
C ASP A 57 14.77 8.35 -45.16
N GLY A 58 15.85 8.25 -44.38
CA GLY A 58 16.81 9.35 -44.23
C GLY A 58 16.49 10.44 -43.23
N LEU A 59 15.25 10.45 -42.70
CA LEU A 59 14.81 11.45 -41.73
C LEU A 59 15.11 10.93 -40.33
N THR A 60 15.77 11.73 -39.50
CA THR A 60 16.15 11.29 -38.14
C THR A 60 15.16 11.67 -37.03
N LEU A 61 14.76 10.67 -36.23
CA LEU A 61 13.86 10.83 -35.10
C LEU A 61 14.58 10.49 -33.81
N HIS A 62 14.17 11.11 -32.70
CA HIS A 62 14.79 10.84 -31.43
C HIS A 62 13.75 10.66 -30.33
N GLN A 63 14.22 10.35 -29.12
CA GLN A 63 13.37 10.09 -27.96
C GLN A 63 12.65 8.75 -28.10
N SER A 64 13.04 7.76 -27.31
CA SER A 64 12.50 6.40 -27.45
C SER A 64 10.97 6.25 -27.40
N LEU A 65 10.33 6.99 -26.50
CA LEU A 65 8.86 6.87 -26.32
C LEU A 65 8.13 7.63 -27.42
N ALA A 66 8.75 8.71 -27.88
CA ALA A 66 8.21 9.46 -28.99
C ALA A 66 8.21 8.55 -30.23
N ILE A 67 9.27 7.77 -30.40
CA ILE A 67 9.38 6.87 -31.54
C ILE A 67 8.40 5.71 -31.41
N ALA A 68 8.37 5.10 -30.24
CA ALA A 68 7.47 3.98 -29.99
C ALA A 68 6.03 4.38 -30.28
N ARG A 69 5.62 5.55 -29.80
CA ARG A 69 4.26 6.02 -29.99
C ARG A 69 3.93 6.21 -31.47
N TYR A 70 4.89 6.78 -32.19
CA TYR A 70 4.79 7.01 -33.62
C TYR A 70 4.58 5.71 -34.38
N LEU A 71 5.33 4.69 -34.02
CA LEU A 71 5.23 3.39 -34.69
C LEU A 71 3.91 2.71 -34.40
N THR A 72 3.35 2.95 -33.23
CA THR A 72 2.07 2.32 -32.87
C THR A 72 0.85 3.05 -33.40
N LYS A 73 1.06 4.23 -34.00
CA LYS A 73 -0.04 5.05 -34.51
C LYS A 73 -0.95 4.28 -35.42
N ASN A 74 -2.25 4.34 -35.12
CA ASN A 74 -3.30 3.69 -35.93
C ASN A 74 -3.37 2.18 -35.79
N THR A 75 -2.70 1.64 -34.77
CA THR A 75 -2.69 0.19 -34.55
C THR A 75 -3.38 -0.08 -33.22
N ASP A 76 -3.80 -1.33 -33.01
CA ASP A 76 -4.46 -1.67 -31.75
C ASP A 76 -3.53 -1.57 -30.55
N LEU A 77 -2.22 -1.72 -30.79
CA LEU A 77 -1.20 -1.58 -29.75
C LEU A 77 -1.18 -0.23 -29.08
N ALA A 78 -1.68 0.79 -29.77
CA ALA A 78 -1.68 2.15 -29.24
C ALA A 78 -2.70 2.41 -28.13
N GLY A 79 -3.75 1.60 -28.14
CA GLY A 79 -4.89 1.80 -27.25
C GLY A 79 -6.07 2.00 -28.20
N ASN A 80 -7.22 1.49 -27.79
CA ASN A 80 -8.43 1.49 -28.63
C ASN A 80 -9.22 2.80 -28.74
N THR A 81 -9.16 3.64 -27.72
CA THR A 81 -9.83 4.92 -27.77
C THR A 81 -8.78 5.95 -27.39
N GLU A 82 -9.07 7.23 -27.60
CA GLU A 82 -8.16 8.31 -27.24
C GLU A 82 -7.95 8.30 -25.72
N MET A 83 -9.00 7.97 -24.98
CA MET A 83 -8.92 7.87 -23.53
C MET A 83 -7.95 6.72 -23.13
N GLU A 84 -8.08 5.56 -23.78
CA GLU A 84 -7.16 4.44 -23.50
C GLU A 84 -5.74 4.78 -23.91
N GLN A 85 -5.59 5.49 -25.01
CA GLN A 85 -4.30 5.98 -25.46
C GLN A 85 -3.68 6.90 -24.40
N CYS A 86 -4.51 7.64 -23.66
CA CYS A 86 -4.01 8.50 -22.59
C CYS A 86 -3.51 7.63 -21.43
N HIS A 87 -4.26 6.58 -21.10
CA HIS A 87 -3.87 5.68 -20.02
C HIS A 87 -2.60 4.95 -20.41
N VAL A 88 -2.50 4.51 -21.65
CA VAL A 88 -1.30 3.87 -22.15
C VAL A 88 -0.10 4.83 -22.00
N ASP A 89 -0.24 6.05 -22.49
CA ASP A 89 0.82 7.05 -22.33
C ASP A 89 1.15 7.29 -20.86
N ALA A 90 0.13 7.29 -19.99
CA ALA A 90 0.34 7.61 -18.58
C ALA A 90 1.15 6.53 -17.87
N ILE A 91 0.81 5.26 -18.12
CA ILE A 91 1.56 4.12 -17.57
C ILE A 91 3.00 4.16 -18.06
N VAL A 92 3.17 4.40 -19.35
CA VAL A 92 4.51 4.44 -19.95
C VAL A 92 5.44 5.46 -19.28
N ASP A 93 4.97 6.70 -19.12
CA ASP A 93 5.75 7.73 -18.45
C ASP A 93 6.00 7.42 -16.96
N THR A 94 5.03 6.80 -16.29
CA THR A 94 5.18 6.41 -14.86
C THR A 94 6.35 5.44 -14.70
N LEU A 95 6.39 4.47 -15.61
CA LEU A 95 7.46 3.47 -15.68
C LEU A 95 8.79 4.15 -16.04
N ASP A 96 8.77 4.98 -17.07
CA ASP A 96 9.97 5.71 -17.49
C ASP A 96 10.47 6.64 -16.37
N ASP A 97 9.55 7.37 -15.73
CA ASP A 97 9.92 8.25 -14.63
C ASP A 97 10.75 7.47 -13.61
N PHE A 98 10.24 6.29 -13.22
CA PHE A 98 10.95 5.47 -12.24
C PHE A 98 12.29 4.95 -12.70
N MET A 99 12.36 4.45 -13.94
CA MET A 99 13.59 3.90 -14.51
C MET A 99 14.67 4.97 -14.66
N SER A 100 14.23 6.19 -14.85
CA SER A 100 15.12 7.33 -14.96
C SER A 100 15.74 7.73 -13.62
N CYS A 101 15.22 7.19 -12.51
CA CYS A 101 15.78 7.47 -11.22
C CYS A 101 17.11 6.76 -10.99
N PHE A 102 17.31 5.64 -11.68
CA PHE A 102 18.51 4.84 -11.53
C PHE A 102 19.76 5.50 -12.10
N PRO A 103 20.86 5.54 -11.31
CA PRO A 103 22.12 6.12 -11.78
C PRO A 103 22.86 5.16 -12.69
N TRP A 104 22.33 4.95 -13.90
CA TRP A 104 22.90 3.98 -14.82
C TRP A 104 24.35 4.22 -15.17
N ALA A 105 24.76 5.47 -15.11
CA ALA A 105 26.08 5.89 -15.54
C ALA A 105 27.09 6.12 -14.41
N GLU A 106 26.64 5.95 -13.16
CA GLU A 106 27.47 6.18 -11.97
C GLU A 106 28.72 5.34 -12.03
N LYS A 107 29.85 6.04 -11.91
CA LYS A 107 31.16 5.41 -11.98
C LYS A 107 31.68 4.92 -10.63
N LYS A 108 31.18 5.47 -9.52
CA LYS A 108 31.55 4.99 -8.18
C LYS A 108 30.65 3.78 -7.86
N GLN A 109 31.21 2.59 -8.01
CA GLN A 109 30.50 1.30 -7.80
C GLN A 109 29.73 1.12 -6.48
N ASP A 110 30.30 1.62 -5.38
CA ASP A 110 29.64 1.52 -4.08
C ASP A 110 28.41 2.42 -4.06
N VAL A 111 28.55 3.64 -4.57
CA VAL A 111 27.45 4.59 -4.68
C VAL A 111 26.35 4.01 -5.59
N LYS A 112 26.74 3.44 -6.71
CA LYS A 112 25.76 2.83 -7.61
C LYS A 112 24.96 1.71 -6.89
N GLU A 113 25.67 0.80 -6.23
CA GLU A 113 25.06 -0.31 -5.48
C GLU A 113 24.08 0.21 -4.44
N GLN A 114 24.55 1.18 -3.65
CA GLN A 114 23.76 1.75 -2.57
C GLN A 114 22.49 2.46 -3.07
N MET A 115 22.60 3.23 -4.15
CA MET A 115 21.44 3.93 -4.73
C MET A 115 20.41 2.96 -5.31
N PHE A 116 20.89 1.95 -6.03
CA PHE A 116 20.06 0.89 -6.58
C PHE A 116 19.30 0.19 -5.49
N ASN A 117 20.00 -0.17 -4.43
CA ASN A 117 19.39 -0.83 -3.27
C ASN A 117 18.27 0.00 -2.68
N GLU A 118 18.54 1.29 -2.50
CA GLU A 118 17.59 2.21 -1.91
C GLU A 118 16.30 2.26 -2.75
N LEU A 119 16.47 2.43 -4.06
CA LEU A 119 15.39 2.48 -5.04
C LEU A 119 14.62 1.16 -5.15
N LEU A 120 15.33 0.04 -5.04
CA LEU A 120 14.71 -1.28 -5.12
C LEU A 120 14.07 -1.70 -3.81
N THR A 121 14.50 -1.08 -2.71
CA THR A 121 13.99 -1.42 -1.37
C THR A 121 12.76 -0.60 -1.00
N TYR A 122 12.76 0.67 -1.38
CA TYR A 122 11.67 1.57 -1.00
C TYR A 122 10.76 1.93 -2.14
N ASN A 123 11.32 2.59 -3.15
CA ASN A 123 10.52 3.03 -4.27
C ASN A 123 9.88 1.91 -5.09
N ALA A 124 10.66 0.90 -5.47
CA ALA A 124 10.14 -0.16 -6.34
C ALA A 124 8.91 -0.89 -5.80
N PRO A 125 8.96 -1.38 -4.53
CA PRO A 125 7.76 -2.03 -4.01
C PRO A 125 6.55 -1.11 -3.97
N HIS A 126 6.74 0.19 -3.74
CA HIS A 126 5.60 1.12 -3.71
C HIS A 126 4.96 1.21 -5.09
N LEU A 127 5.79 1.39 -6.11
CA LEU A 127 5.34 1.42 -7.49
C LEU A 127 4.69 0.08 -7.91
N MET A 128 5.23 -1.03 -7.42
CA MET A 128 4.67 -2.34 -7.74
C MET A 128 3.27 -2.49 -7.15
N GLN A 129 3.03 -1.96 -5.94
CA GLN A 129 1.69 -2.04 -5.34
C GLN A 129 0.69 -1.27 -6.16
N ASP A 130 1.10 -0.08 -6.66
CA ASP A 130 0.28 0.77 -7.53
C ASP A 130 -0.04 0.10 -8.87
N LEU A 131 0.99 -0.41 -9.54
CA LEU A 131 0.81 -1.13 -10.80
C LEU A 131 -0.09 -2.35 -10.65
N ASP A 132 0.07 -3.08 -9.55
CA ASP A 132 -0.70 -4.32 -9.29
C ASP A 132 -2.19 -4.02 -9.07
N THR A 133 -2.48 -3.04 -8.24
CA THR A 133 -3.88 -2.67 -7.98
C THR A 133 -4.52 -2.02 -9.20
N TYR A 134 -3.70 -1.32 -9.99
CA TYR A 134 -4.15 -0.70 -11.23
C TYR A 134 -4.56 -1.73 -12.27
N LEU A 135 -3.80 -2.82 -12.35
CA LEU A 135 -4.07 -3.89 -13.26
C LEU A 135 -5.27 -4.69 -12.76
N GLY A 136 -5.32 -4.93 -11.44
CA GLY A 136 -6.36 -5.74 -10.83
C GLY A 136 -6.28 -7.17 -11.35
N GLY A 137 -7.45 -7.80 -11.51
CA GLY A 137 -7.54 -9.16 -12.01
C GLY A 137 -7.82 -9.12 -13.50
N ARG A 138 -7.59 -7.97 -14.13
CA ARG A 138 -7.81 -7.83 -15.57
C ARG A 138 -6.69 -8.48 -16.38
N GLU A 139 -6.92 -8.64 -17.66
CA GLU A 139 -5.99 -9.31 -18.55
C GLU A 139 -4.75 -8.48 -18.86
N TRP A 140 -4.97 -7.22 -19.26
CA TRP A 140 -3.90 -6.30 -19.65
C TRP A 140 -4.02 -4.99 -18.87
N LEU A 141 -2.97 -4.19 -18.88
CA LEU A 141 -2.98 -2.92 -18.14
C LEU A 141 -4.09 -2.00 -18.59
N ILE A 142 -4.23 -1.82 -19.90
CA ILE A 142 -5.28 -0.97 -20.48
C ILE A 142 -6.18 -1.70 -21.47
N GLY A 143 -7.50 -1.50 -21.33
CA GLY A 143 -8.50 -2.05 -22.26
C GLY A 143 -8.66 -3.56 -22.32
N ASN A 144 -9.01 -4.06 -23.50
CA ASN A 144 -9.29 -5.47 -23.73
C ASN A 144 -8.18 -6.27 -24.38
N SER A 145 -7.20 -5.55 -24.92
CA SER A 145 -6.12 -6.17 -25.64
C SER A 145 -4.77 -5.56 -25.26
N VAL A 146 -3.71 -6.25 -25.67
CA VAL A 146 -2.34 -5.83 -25.35
C VAL A 146 -2.05 -4.45 -25.93
N THR A 147 -1.34 -3.63 -25.16
CA THR A 147 -0.91 -2.33 -25.65
C THR A 147 0.60 -2.23 -25.45
N TRP A 148 1.22 -1.21 -26.00
CA TRP A 148 2.66 -1.08 -25.82
C TRP A 148 3.03 -0.73 -24.36
N ALA A 149 2.03 -0.43 -23.52
CA ALA A 149 2.28 -0.22 -22.09
C ALA A 149 2.61 -1.56 -21.45
N ASP A 150 1.92 -2.63 -21.89
CA ASP A 150 2.20 -3.99 -21.40
C ASP A 150 3.64 -4.39 -21.78
N PHE A 151 4.02 -4.04 -23.00
CA PHE A 151 5.36 -4.26 -23.52
C PHE A 151 6.31 -3.52 -22.64
N TYR A 152 6.07 -2.22 -22.40
CA TYR A 152 6.99 -1.46 -21.57
C TYR A 152 7.11 -2.00 -20.15
N TRP A 153 6.00 -2.48 -19.59
CA TRP A 153 6.05 -3.10 -18.27
C TRP A 153 6.98 -4.30 -18.28
N GLU A 154 6.83 -5.17 -19.27
CA GLU A 154 7.63 -6.40 -19.31
C GLU A 154 9.10 -6.03 -19.45
N ILE A 155 9.37 -5.00 -20.25
CA ILE A 155 10.73 -4.52 -20.51
C ILE A 155 11.37 -3.90 -19.27
N CYS A 156 10.65 -3.00 -18.61
CA CYS A 156 11.17 -2.36 -17.40
C CYS A 156 11.40 -3.38 -16.29
N SER A 157 10.41 -4.25 -16.04
CA SER A 157 10.57 -5.29 -15.02
C SER A 157 11.68 -6.29 -15.30
N THR A 158 11.88 -6.66 -16.57
CA THR A 158 12.96 -7.58 -16.91
C THR A 158 14.29 -7.03 -16.42
N THR A 159 14.50 -5.74 -16.64
CA THR A 159 15.73 -5.09 -16.22
C THR A 159 15.80 -4.94 -14.71
N LEU A 160 14.70 -4.57 -14.06
CA LEU A 160 14.68 -4.49 -12.59
C LEU A 160 14.94 -5.87 -11.94
N LEU A 161 14.40 -6.95 -12.53
CA LEU A 161 14.60 -8.30 -11.97
C LEU A 161 16.06 -8.78 -11.93
N VAL A 162 16.89 -8.25 -12.82
CA VAL A 162 18.32 -8.52 -12.78
C VAL A 162 18.92 -8.11 -11.43
N PHE A 163 18.54 -6.93 -10.95
CA PHE A 163 19.07 -6.39 -9.70
C PHE A 163 18.36 -6.80 -8.42
N LYS A 164 17.07 -7.12 -8.52
CA LYS A 164 16.30 -7.56 -7.36
C LYS A 164 15.37 -8.69 -7.81
N PRO A 165 15.93 -9.91 -8.02
CA PRO A 165 15.17 -11.04 -8.55
C PRO A 165 13.86 -11.35 -7.82
N ASP A 166 13.78 -11.02 -6.55
CA ASP A 166 12.59 -11.33 -5.78
C ASP A 166 11.56 -10.20 -5.76
N LEU A 167 11.74 -9.22 -6.65
CA LEU A 167 10.85 -8.05 -6.72
C LEU A 167 9.37 -8.39 -6.89
N LEU A 168 9.07 -9.35 -7.75
CA LEU A 168 7.68 -9.68 -8.00
C LEU A 168 7.18 -10.90 -7.25
N ASP A 169 7.98 -11.38 -6.30
CA ASP A 169 7.61 -12.59 -5.53
C ASP A 169 6.30 -12.49 -4.77
N ASN A 170 5.90 -11.27 -4.46
CA ASN A 170 4.60 -11.00 -3.84
C ASN A 170 3.64 -10.33 -4.81
N HIS A 171 3.94 -10.39 -6.10
CA HIS A 171 3.07 -9.78 -7.11
C HIS A 171 2.76 -10.74 -8.27
N PRO A 172 2.05 -11.86 -7.97
CA PRO A 172 1.78 -12.85 -8.99
C PRO A 172 1.04 -12.31 -10.22
N ARG A 173 0.15 -11.32 -10.04
CA ARG A 173 -0.57 -10.73 -11.17
C ARG A 173 0.38 -10.03 -12.14
N LEU A 174 1.43 -9.41 -11.59
CA LEU A 174 2.43 -8.73 -12.41
C LEU A 174 3.37 -9.72 -13.11
N VAL A 175 3.60 -10.87 -12.48
CA VAL A 175 4.42 -11.93 -13.08
C VAL A 175 3.65 -12.52 -14.25
N THR A 176 2.36 -12.74 -14.02
CA THR A 176 1.45 -13.24 -15.03
C THR A 176 1.41 -12.29 -16.23
N LEU A 177 1.46 -10.99 -15.96
CA LEU A 177 1.46 -10.02 -17.06
C LEU A 177 2.72 -10.18 -17.89
N ARG A 178 3.87 -10.32 -17.24
CA ARG A 178 5.13 -10.51 -17.95
C ARG A 178 5.03 -11.75 -18.87
N LYS A 179 4.49 -12.83 -18.32
CA LYS A 179 4.34 -14.09 -19.07
C LYS A 179 3.38 -13.95 -20.24
N LYS A 180 2.23 -13.29 -20.03
CA LYS A 180 1.28 -13.07 -21.12
C LYS A 180 1.97 -12.33 -22.28
N VAL A 181 2.78 -11.32 -21.93
CA VAL A 181 3.51 -10.54 -22.95
C VAL A 181 4.61 -11.38 -23.61
N GLN A 182 5.36 -12.14 -22.81
CA GLN A 182 6.45 -12.94 -23.38
C GLN A 182 5.97 -14.05 -24.35
N ALA A 183 4.74 -14.52 -24.15
CA ALA A 183 4.15 -15.60 -24.95
C ALA A 183 3.55 -15.15 -26.28
N ILE A 184 3.36 -13.84 -26.47
CA ILE A 184 2.86 -13.31 -27.74
C ILE A 184 3.88 -13.80 -28.75
N PRO A 185 3.43 -14.55 -29.78
CA PRO A 185 4.34 -15.20 -30.75
C PRO A 185 5.44 -14.29 -31.29
N ALA A 186 5.09 -13.10 -31.78
CA ALA A 186 6.09 -12.17 -32.32
C ALA A 186 7.11 -11.73 -31.28
N VAL A 187 6.68 -11.65 -30.02
CA VAL A 187 7.54 -11.26 -28.92
C VAL A 187 8.39 -12.47 -28.47
N ALA A 188 7.76 -13.64 -28.39
CA ALA A 188 8.46 -14.86 -28.02
C ALA A 188 9.64 -15.06 -28.99
N ASN A 189 9.39 -14.91 -30.29
CA ASN A 189 10.41 -15.01 -31.36
C ASN A 189 11.56 -14.03 -31.14
N TRP A 190 11.21 -12.75 -30.95
CA TRP A 190 12.21 -11.69 -30.75
C TRP A 190 13.08 -11.98 -29.53
N ILE A 191 12.46 -12.27 -28.39
CA ILE A 191 13.17 -12.57 -27.14
C ILE A 191 14.18 -13.71 -27.32
N LYS A 192 13.89 -14.62 -28.24
CA LYS A 192 14.77 -15.76 -28.51
C LYS A 192 15.90 -15.35 -29.47
N ARG A 193 15.57 -14.53 -30.48
CA ARG A 193 16.52 -14.07 -31.50
C ARG A 193 17.50 -13.00 -31.07
N ARG A 194 17.05 -12.10 -30.18
CA ARG A 194 17.84 -10.94 -29.77
C ARG A 194 19.17 -11.29 -29.11
N PRO A 195 20.18 -10.42 -29.30
CA PRO A 195 21.46 -10.59 -28.64
C PRO A 195 21.31 -10.57 -27.13
N GLN A 196 22.00 -11.48 -26.45
CA GLN A 196 21.95 -11.54 -24.99
C GLN A 196 22.87 -10.47 -24.40
N THR A 197 22.32 -9.70 -23.46
CA THR A 197 23.06 -8.63 -22.77
C THR A 197 22.43 -8.52 -21.40
N LYS A 198 23.22 -8.08 -20.41
CA LYS A 198 22.69 -7.91 -19.07
C LYS A 198 21.54 -6.88 -19.03
N LEU A 199 21.72 -5.76 -19.73
CA LEU A 199 20.74 -4.66 -19.69
C LEU A 199 20.07 -4.33 -21.03
N PRO B 2 -18.46 17.64 -21.43
CA PRO B 2 -17.49 16.97 -20.57
C PRO B 2 -16.99 17.88 -19.46
N ASN B 3 -17.17 17.48 -18.21
CA ASN B 3 -16.73 18.30 -17.09
C ASN B 3 -15.28 18.00 -16.72
N TYR B 4 -14.45 19.04 -16.74
CA TYR B 4 -13.03 18.93 -16.43
C TYR B 4 -12.63 19.56 -15.11
N LYS B 5 -11.90 18.79 -14.30
CA LYS B 5 -11.37 19.25 -13.03
C LYS B 5 -9.88 18.88 -12.93
N LEU B 6 -9.05 19.92 -12.95
CA LEU B 6 -7.61 19.76 -12.88
C LEU B 6 -7.15 19.99 -11.46
N THR B 7 -6.43 19.02 -10.90
CA THR B 7 -5.92 19.19 -9.54
C THR B 7 -4.39 19.24 -9.57
N TYR B 8 -3.84 20.27 -8.96
CA TYR B 8 -2.40 20.41 -8.82
C TYR B 8 -2.12 21.34 -7.65
N PHE B 9 -0.85 21.66 -7.41
CA PHE B 9 -0.48 22.61 -6.39
C PHE B 9 -0.74 24.02 -6.93
N ASN B 10 -0.61 25.03 -6.09
CA ASN B 10 -0.78 26.40 -6.53
C ASN B 10 0.52 26.84 -7.21
N MET B 11 0.75 26.30 -8.42
CA MET B 11 1.95 26.58 -9.19
C MET B 11 1.65 26.37 -10.65
N ARG B 12 2.47 26.98 -11.49
CA ARG B 12 2.40 26.72 -12.91
C ARG B 12 2.85 25.24 -12.97
N GLY B 13 4.11 24.99 -12.59
CA GLY B 13 4.65 23.62 -12.51
C GLY B 13 4.28 22.74 -13.69
N ARG B 14 3.99 21.47 -13.38
CA ARG B 14 3.63 20.48 -14.40
C ARG B 14 2.19 20.58 -14.91
N ALA B 15 1.38 21.41 -14.27
CA ALA B 15 -0.01 21.57 -14.69
C ALA B 15 -0.18 22.65 -15.76
N GLU B 16 0.77 23.58 -15.82
CA GLU B 16 0.68 24.73 -16.74
C GLU B 16 0.45 24.36 -18.22
N ILE B 17 1.07 23.28 -18.70
CA ILE B 17 0.88 22.85 -20.11
C ILE B 17 -0.60 22.53 -20.42
N ILE B 18 -1.27 21.90 -19.47
CA ILE B 18 -2.68 21.55 -19.57
C ILE B 18 -3.52 22.85 -19.51
N ARG B 19 -3.11 23.78 -18.64
CA ARG B 19 -3.83 25.05 -18.50
C ARG B 19 -3.77 25.88 -19.79
N TYR B 20 -2.60 25.91 -20.45
CA TYR B 20 -2.42 26.60 -21.76
C TYR B 20 -3.25 25.96 -22.83
N ILE B 21 -3.33 24.63 -22.81
CA ILE B 21 -4.11 23.88 -23.78
C ILE B 21 -5.60 24.14 -23.55
N PHE B 22 -6.06 24.10 -22.30
CA PHE B 22 -7.47 24.42 -22.03
C PHE B 22 -7.80 25.82 -22.57
N ALA B 23 -6.93 26.78 -22.30
CA ALA B 23 -7.08 28.17 -22.76
C ALA B 23 -7.16 28.33 -24.29
N TYR B 24 -6.20 27.73 -24.99
CA TYR B 24 -6.14 27.79 -26.45
C TYR B 24 -7.38 27.23 -27.14
N LEU B 25 -7.84 26.08 -26.68
CA LEU B 25 -9.01 25.42 -27.25
C LEU B 25 -10.33 25.97 -26.70
N ASP B 26 -10.23 26.94 -25.80
CA ASP B 26 -11.38 27.60 -25.15
C ASP B 26 -12.27 26.61 -24.39
N ILE B 27 -11.66 25.75 -23.58
CA ILE B 27 -12.39 24.78 -22.78
C ILE B 27 -12.45 25.22 -21.33
N GLN B 28 -13.67 25.23 -20.80
CA GLN B 28 -13.89 25.61 -19.41
C GLN B 28 -13.53 24.40 -18.54
N TYR B 29 -12.91 24.68 -17.40
CA TYR B 29 -12.51 23.63 -16.47
C TYR B 29 -12.34 24.24 -15.10
N GLU B 30 -12.35 23.40 -14.07
CA GLU B 30 -12.13 23.84 -12.72
C GLU B 30 -10.64 23.71 -12.49
N ASP B 31 -10.01 24.83 -12.14
CA ASP B 31 -8.57 24.87 -11.86
C ASP B 31 -8.36 24.71 -10.36
N HIS B 32 -8.42 23.47 -9.89
CA HIS B 32 -8.27 23.17 -8.46
C HIS B 32 -6.81 23.18 -7.97
N ARG B 33 -6.49 24.13 -7.11
CA ARG B 33 -5.15 24.27 -6.55
C ARG B 33 -5.19 23.96 -5.07
N ILE B 34 -4.39 22.99 -4.65
CA ILE B 34 -4.39 22.56 -3.25
C ILE B 34 -3.15 23.00 -2.50
N GLU B 35 -3.30 23.18 -1.20
CA GLU B 35 -2.20 23.55 -0.31
C GLU B 35 -1.55 22.25 0.08
N GLN B 36 -0.26 22.29 0.39
CA GLN B 36 0.44 21.09 0.82
C GLN B 36 -0.27 20.34 1.94
N ALA B 37 -0.82 21.06 2.91
CA ALA B 37 -1.53 20.45 4.04
C ALA B 37 -2.63 19.48 3.63
N ASP B 38 -3.26 19.74 2.49
CA ASP B 38 -4.33 18.87 1.99
C ASP B 38 -3.83 17.80 1.03
N TRP B 39 -2.54 17.83 0.72
CA TRP B 39 -1.98 16.88 -0.24
C TRP B 39 -2.05 15.40 0.20
N PRO B 40 -1.35 15.03 1.29
CA PRO B 40 -1.34 13.63 1.76
C PRO B 40 -2.68 12.89 1.75
N GLU B 41 -3.75 13.61 2.06
CA GLU B 41 -5.08 13.02 2.14
C GLU B 41 -5.67 12.71 0.76
N ILE B 42 -5.25 13.48 -0.24
CA ILE B 42 -5.64 13.28 -1.63
C ILE B 42 -4.75 12.19 -2.25
N LYS B 43 -3.43 12.34 -2.04
CA LYS B 43 -2.39 11.42 -2.52
C LYS B 43 -2.73 9.96 -2.23
N SER B 44 -3.18 9.70 -0.99
CA SER B 44 -3.55 8.37 -0.50
C SER B 44 -4.63 7.68 -1.30
N THR B 45 -5.44 8.44 -2.03
CA THR B 45 -6.55 7.88 -2.80
C THR B 45 -6.28 7.70 -4.27
N LEU B 46 -5.14 8.19 -4.74
CA LEU B 46 -4.85 8.18 -6.18
C LEU B 46 -4.17 6.91 -6.61
N PRO B 47 -4.51 6.41 -7.81
CA PRO B 47 -3.84 5.22 -8.30
C PRO B 47 -2.30 5.30 -8.26
N PHE B 48 -1.73 6.45 -8.61
CA PHE B 48 -0.26 6.62 -8.65
C PHE B 48 0.33 7.69 -7.73
N GLY B 49 -0.51 8.35 -6.93
CA GLY B 49 -0.08 9.30 -5.91
C GLY B 49 0.71 10.52 -6.34
N LYS B 50 0.53 10.94 -7.57
CA LYS B 50 1.22 12.11 -8.08
C LYS B 50 0.22 13.03 -8.76
N ILE B 51 0.57 14.32 -8.78
CA ILE B 51 -0.22 15.34 -9.50
C ILE B 51 0.67 16.07 -10.54
N PRO B 52 0.07 16.64 -11.59
CA PRO B 52 -1.39 16.81 -11.79
C PRO B 52 -2.19 15.58 -12.20
N ILE B 53 -3.49 15.64 -11.89
CA ILE B 53 -4.49 14.67 -12.30
C ILE B 53 -5.61 15.49 -12.94
N LEU B 54 -6.29 14.89 -13.92
CA LEU B 54 -7.41 15.53 -14.59
C LEU B 54 -8.62 14.59 -14.53
N GLU B 55 -9.68 15.02 -13.87
CA GLU B 55 -10.90 14.23 -13.85
C GLU B 55 -11.77 14.66 -15.03
N VAL B 56 -12.20 13.68 -15.81
CA VAL B 56 -13.03 13.89 -16.98
C VAL B 56 -14.25 12.99 -16.79
N ASP B 57 -15.40 13.59 -16.51
CA ASP B 57 -16.66 12.86 -16.35
C ASP B 57 -16.64 11.69 -15.35
N GLY B 58 -15.80 11.78 -14.32
CA GLY B 58 -15.70 10.74 -13.29
C GLY B 58 -14.58 9.72 -13.47
N LEU B 59 -13.59 10.09 -14.28
CA LEU B 59 -12.49 9.20 -14.64
C LEU B 59 -11.18 9.98 -14.44
N THR B 60 -10.37 9.58 -13.45
CA THR B 60 -9.13 10.30 -13.07
C THR B 60 -7.87 10.01 -13.90
N LEU B 61 -7.56 10.92 -14.82
CA LEU B 61 -6.35 10.82 -15.66
C LEU B 61 -5.11 11.33 -14.94
N HIS B 62 -3.95 10.81 -15.29
CA HIS B 62 -2.72 11.28 -14.67
C HIS B 62 -1.59 11.44 -15.71
N GLN B 63 -0.45 11.94 -15.24
CA GLN B 63 0.75 12.24 -16.05
C GLN B 63 0.50 13.45 -16.92
N SER B 64 1.14 14.57 -16.57
CA SER B 64 0.92 15.84 -17.26
C SER B 64 0.94 15.78 -18.78
N LEU B 65 1.96 15.11 -19.33
CA LEU B 65 2.10 15.06 -20.79
C LEU B 65 1.17 14.08 -21.47
N ALA B 66 0.84 12.98 -20.79
CA ALA B 66 -0.17 12.04 -21.31
C ALA B 66 -1.49 12.82 -21.47
N ILE B 67 -1.82 13.59 -20.44
CA ILE B 67 -3.04 14.42 -20.43
C ILE B 67 -2.98 15.48 -21.54
N ALA B 68 -1.90 16.26 -21.59
CA ALA B 68 -1.68 17.28 -22.65
C ALA B 68 -1.82 16.68 -24.04
N ARG B 69 -1.25 15.49 -24.25
CA ARG B 69 -1.31 14.86 -25.54
C ARG B 69 -2.76 14.47 -25.85
N TYR B 70 -3.47 13.98 -24.84
CA TYR B 70 -4.88 13.59 -24.96
C TYR B 70 -5.73 14.79 -25.39
N LEU B 71 -5.53 15.94 -24.72
CA LEU B 71 -6.31 17.14 -25.02
C LEU B 71 -6.06 17.78 -26.39
N THR B 72 -4.87 17.58 -26.93
CA THR B 72 -4.49 18.18 -28.22
C THR B 72 -4.70 17.24 -29.40
N LYS B 73 -5.00 15.98 -29.13
CA LYS B 73 -5.21 15.02 -30.22
C LYS B 73 -6.35 15.53 -31.10
N ASN B 74 -6.14 15.50 -32.41
CA ASN B 74 -7.14 15.98 -33.39
C ASN B 74 -7.51 17.45 -33.23
N THR B 75 -6.54 18.26 -32.81
CA THR B 75 -6.71 19.71 -32.71
C THR B 75 -5.53 20.25 -33.49
N ASP B 76 -5.51 21.55 -33.76
CA ASP B 76 -4.39 22.15 -34.49
C ASP B 76 -3.10 22.29 -33.68
N LEU B 77 -3.14 21.93 -32.40
CA LEU B 77 -1.95 21.96 -31.52
C LEU B 77 -1.12 20.68 -31.69
N ALA B 78 -1.73 19.66 -32.28
CA ALA B 78 -1.03 18.40 -32.58
C ALA B 78 -0.23 18.66 -33.85
N GLY B 79 0.78 17.85 -34.14
CA GLY B 79 1.55 18.04 -35.37
C GLY B 79 0.65 17.83 -36.57
N ASN B 80 1.06 18.38 -37.72
CA ASN B 80 0.29 18.31 -38.97
C ASN B 80 0.50 17.03 -39.81
N THR B 81 1.48 16.22 -39.43
CA THR B 81 1.73 14.92 -40.07
C THR B 81 2.10 13.93 -38.95
N GLU B 82 2.02 12.64 -39.23
CA GLU B 82 2.39 11.65 -38.23
C GLU B 82 3.82 11.90 -37.77
N MET B 83 4.71 12.26 -38.70
CA MET B 83 6.10 12.51 -38.35
C MET B 83 6.23 13.77 -37.50
N GLU B 84 5.43 14.79 -37.79
CA GLU B 84 5.43 15.99 -36.99
C GLU B 84 5.01 15.70 -35.55
N GLN B 85 4.04 14.79 -35.34
CA GLN B 85 3.57 14.47 -33.97
C GLN B 85 4.69 13.76 -33.23
N CYS B 86 5.53 13.06 -33.99
CA CYS B 86 6.69 12.41 -33.40
C CYS B 86 7.67 13.48 -32.90
N HIS B 87 8.01 14.45 -33.75
CA HIS B 87 8.91 15.57 -33.34
C HIS B 87 8.35 16.39 -32.19
N VAL B 88 7.03 16.57 -32.17
CA VAL B 88 6.37 17.27 -31.07
C VAL B 88 6.64 16.50 -29.80
N ASP B 89 6.31 15.20 -29.81
CA ASP B 89 6.56 14.32 -28.68
C ASP B 89 8.00 14.33 -28.21
N ALA B 90 8.93 14.25 -29.16
CA ALA B 90 10.35 14.24 -28.85
C ALA B 90 10.85 15.55 -28.21
N ILE B 91 10.46 16.68 -28.78
CA ILE B 91 10.89 17.97 -28.20
C ILE B 91 10.36 18.09 -26.77
N VAL B 92 9.10 17.75 -26.59
CA VAL B 92 8.48 17.75 -25.26
C VAL B 92 9.24 16.87 -24.27
N ASP B 93 9.57 15.63 -24.68
CA ASP B 93 10.31 14.73 -23.78
C ASP B 93 11.74 15.20 -23.52
N THR B 94 12.33 15.95 -24.44
CA THR B 94 13.67 16.50 -24.25
C THR B 94 13.60 17.58 -23.20
N LEU B 95 12.64 18.49 -23.36
CA LEU B 95 12.43 19.54 -22.39
C LEU B 95 12.11 18.90 -21.04
N ASP B 96 11.20 17.91 -21.05
CA ASP B 96 10.77 17.22 -19.81
C ASP B 96 11.90 16.50 -19.09
N ASP B 97 12.75 15.77 -19.84
CA ASP B 97 13.91 15.06 -19.24
C ASP B 97 14.78 16.00 -18.42
N PHE B 98 14.99 17.21 -18.95
CA PHE B 98 15.85 18.20 -18.27
C PHE B 98 15.11 18.78 -17.05
N MET B 99 13.86 19.17 -17.23
CA MET B 99 13.10 19.74 -16.12
C MET B 99 12.99 18.74 -14.96
N SER B 100 12.91 17.45 -15.29
CA SER B 100 12.80 16.38 -14.29
C SER B 100 14.08 16.09 -13.51
N CYS B 101 15.19 16.67 -13.94
CA CYS B 101 16.48 16.52 -13.26
C CYS B 101 16.54 17.38 -12.01
N PHE B 102 15.71 18.43 -11.94
CA PHE B 102 15.75 19.33 -10.79
C PHE B 102 15.15 18.67 -9.55
N PRO B 103 15.84 18.77 -8.39
CA PRO B 103 15.32 18.18 -7.16
C PRO B 103 14.27 19.09 -6.51
N TRP B 104 13.14 19.28 -7.21
CA TRP B 104 12.05 20.18 -6.79
C TRP B 104 11.58 20.02 -5.34
N ALA B 105 11.58 18.78 -4.87
CA ALA B 105 11.11 18.44 -3.51
C ALA B 105 12.21 18.38 -2.44
N GLU B 106 13.47 18.47 -2.85
CA GLU B 106 14.60 18.42 -1.91
C GLU B 106 14.38 19.38 -0.72
N LYS B 107 14.40 18.83 0.50
CA LYS B 107 14.19 19.62 1.72
C LYS B 107 15.47 20.26 2.29
N LYS B 108 16.62 19.68 1.97
CA LYS B 108 17.92 20.22 2.39
C LYS B 108 18.26 21.36 1.42
N GLN B 109 18.05 22.58 1.86
CA GLN B 109 18.23 23.76 1.03
C GLN B 109 19.58 23.90 0.34
N ASP B 110 20.67 23.67 1.08
CA ASP B 110 22.03 23.78 0.53
C ASP B 110 22.25 22.77 -0.61
N VAL B 111 21.80 21.54 -0.41
CA VAL B 111 21.89 20.47 -1.41
C VAL B 111 21.02 20.81 -2.63
N LYS B 112 19.86 21.40 -2.37
CA LYS B 112 18.94 21.80 -3.43
C LYS B 112 19.59 22.89 -4.28
N GLU B 113 20.10 23.94 -3.63
CA GLU B 113 20.78 25.05 -4.32
C GLU B 113 21.97 24.60 -5.16
N GLN B 114 22.84 23.78 -4.58
CA GLN B 114 24.02 23.20 -5.24
C GLN B 114 23.57 22.55 -6.56
N MET B 115 22.62 21.62 -6.46
CA MET B 115 22.02 20.93 -7.59
C MET B 115 21.41 21.83 -8.66
N PHE B 116 20.53 22.73 -8.23
CA PHE B 116 19.92 23.69 -9.15
C PHE B 116 21.01 24.46 -9.89
N ASN B 117 21.95 25.04 -9.13
CA ASN B 117 23.03 25.82 -9.74
C ASN B 117 23.84 25.06 -10.80
N GLU B 118 24.15 23.78 -10.52
CA GLU B 118 24.90 22.93 -11.44
C GLU B 118 24.14 22.68 -12.75
N LEU B 119 22.91 22.17 -12.64
CA LEU B 119 22.06 21.93 -13.80
C LEU B 119 21.90 23.19 -14.68
N LEU B 120 21.66 24.34 -14.05
CA LEU B 120 21.49 25.62 -14.73
C LEU B 120 22.77 26.19 -15.34
N THR B 121 23.87 26.01 -14.64
CA THR B 121 25.15 26.54 -15.08
C THR B 121 25.80 25.62 -16.10
N TYR B 122 25.82 24.32 -15.81
CA TYR B 122 26.51 23.35 -16.67
C TYR B 122 25.69 22.68 -17.75
N ASN B 123 24.41 22.40 -17.48
CA ASN B 123 23.57 21.65 -18.43
C ASN B 123 22.60 22.48 -19.26
N ALA B 124 21.90 23.43 -18.63
CA ALA B 124 20.94 24.27 -19.35
C ALA B 124 21.49 24.92 -20.62
N PRO B 125 22.71 25.51 -20.58
CA PRO B 125 23.28 26.16 -21.78
C PRO B 125 23.40 25.26 -23.00
N HIS B 126 23.64 23.98 -22.78
CA HIS B 126 23.72 23.02 -23.88
C HIS B 126 22.36 22.72 -24.46
N LEU B 127 21.35 22.61 -23.60
CA LEU B 127 19.98 22.39 -24.08
C LEU B 127 19.56 23.59 -24.93
N MET B 128 19.90 24.81 -24.48
CA MET B 128 19.52 26.00 -25.27
C MET B 128 20.19 25.92 -26.64
N GLN B 129 21.46 25.50 -26.66
CA GLN B 129 22.20 25.38 -27.93
C GLN B 129 21.54 24.35 -28.84
N ASP B 130 21.17 23.20 -28.30
CA ASP B 130 20.50 22.16 -29.10
C ASP B 130 19.18 22.64 -29.68
N LEU B 131 18.35 23.26 -28.84
CA LEU B 131 17.06 23.83 -29.29
C LEU B 131 17.19 24.94 -30.32
N ASP B 132 18.18 25.79 -30.13
CA ASP B 132 18.41 26.93 -31.03
C ASP B 132 18.77 26.41 -32.43
N THR B 133 19.73 25.49 -32.51
CA THR B 133 20.12 24.87 -33.79
C THR B 133 18.92 24.16 -34.43
N TYR B 134 18.21 23.37 -33.62
CA TYR B 134 17.02 22.66 -34.08
C TYR B 134 15.95 23.61 -34.65
N LEU B 135 15.72 24.74 -33.98
CA LEU B 135 14.74 25.71 -34.48
C LEU B 135 15.22 26.33 -35.79
N GLY B 136 16.48 26.75 -35.82
CA GLY B 136 17.07 27.40 -36.97
C GLY B 136 16.33 28.71 -37.20
N GLY B 137 16.00 29.01 -38.45
CA GLY B 137 15.27 30.23 -38.78
C GLY B 137 13.79 29.95 -38.98
N ARG B 138 13.35 28.79 -38.53
CA ARG B 138 11.94 28.44 -38.67
C ARG B 138 11.08 29.23 -37.66
N GLU B 139 9.79 29.37 -37.96
CA GLU B 139 8.86 30.13 -37.11
C GLU B 139 8.44 29.40 -35.85
N TRP B 140 8.23 28.09 -35.97
CA TRP B 140 7.82 27.28 -34.81
C TRP B 140 8.72 26.07 -34.71
N LEU B 141 8.81 25.45 -33.53
CA LEU B 141 9.68 24.28 -33.34
C LEU B 141 9.36 23.12 -34.32
N ILE B 142 8.07 22.86 -34.53
CA ILE B 142 7.62 21.81 -35.44
C ILE B 142 6.68 22.40 -36.51
N GLY B 143 7.04 22.19 -37.76
CA GLY B 143 6.18 22.58 -38.87
C GLY B 143 5.99 24.07 -39.07
N ASN B 144 4.89 24.39 -39.71
CA ASN B 144 4.57 25.76 -40.10
C ASN B 144 3.54 26.43 -39.21
N SER B 145 3.01 25.70 -38.22
CA SER B 145 2.07 26.30 -37.24
C SER B 145 2.42 25.91 -35.78
N VAL B 146 1.85 26.64 -34.82
CA VAL B 146 2.13 26.39 -33.39
C VAL B 146 1.66 24.98 -32.97
N THR B 147 2.45 24.31 -32.13
CA THR B 147 2.03 23.05 -31.54
C THR B 147 2.22 23.20 -30.04
N TRP B 148 1.73 22.24 -29.28
CA TRP B 148 1.87 22.28 -27.82
C TRP B 148 3.35 22.16 -27.36
N ALA B 149 4.24 21.73 -28.27
CA ALA B 149 5.68 21.74 -27.97
C ALA B 149 6.16 23.19 -27.79
N ASP B 150 5.69 24.11 -28.64
CA ASP B 150 6.04 25.56 -28.48
C ASP B 150 5.53 26.03 -27.13
N PHE B 151 4.30 25.65 -26.78
CA PHE B 151 3.73 25.94 -25.46
C PHE B 151 4.64 25.45 -24.33
N TYR B 152 5.08 24.20 -24.43
CA TYR B 152 5.93 23.60 -23.39
C TYR B 152 7.31 24.25 -23.36
N TRP B 153 7.84 24.60 -24.54
CA TRP B 153 9.09 25.35 -24.57
C TRP B 153 8.96 26.65 -23.75
N GLU B 154 7.94 27.44 -24.09
CA GLU B 154 7.68 28.71 -23.40
C GLU B 154 7.57 28.53 -21.87
N ILE B 155 6.79 27.53 -21.45
CA ILE B 155 6.57 27.21 -20.05
C ILE B 155 7.85 26.81 -19.32
N CYS B 156 8.58 25.84 -19.89
CA CYS B 156 9.82 25.39 -19.27
C CYS B 156 10.81 26.55 -19.15
N SER B 157 10.99 27.30 -20.24
CA SER B 157 11.93 28.43 -20.30
C SER B 157 11.58 29.54 -19.29
N THR B 158 10.29 29.82 -19.11
CA THR B 158 9.84 30.81 -18.11
C THR B 158 10.36 30.44 -16.71
N THR B 159 10.20 29.19 -16.31
CA THR B 159 10.69 28.73 -15.00
C THR B 159 12.22 28.76 -14.90
N LEU B 160 12.91 28.31 -15.95
CA LEU B 160 14.38 28.36 -15.94
C LEU B 160 14.90 29.79 -15.82
N LEU B 161 14.20 30.73 -16.46
CA LEU B 161 14.59 32.14 -16.41
C LEU B 161 14.40 32.78 -15.05
N VAL B 162 13.56 32.16 -14.21
CA VAL B 162 13.35 32.66 -12.86
C VAL B 162 14.66 32.54 -12.10
N PHE B 163 15.33 31.42 -12.33
CA PHE B 163 16.58 31.07 -11.62
C PHE B 163 17.84 31.57 -12.33
N LYS B 164 17.80 31.66 -13.65
CA LYS B 164 18.96 32.05 -14.46
C LYS B 164 18.53 33.01 -15.57
N PRO B 165 18.29 34.28 -15.24
CA PRO B 165 17.75 35.28 -16.18
C PRO B 165 18.54 35.53 -17.46
N ASP B 166 19.85 35.27 -17.44
CA ASP B 166 20.70 35.47 -18.63
C ASP B 166 20.75 34.24 -19.54
N LEU B 167 19.92 33.24 -19.25
CA LEU B 167 19.93 31.96 -20.02
C LEU B 167 19.84 32.12 -21.53
N LEU B 168 19.01 33.04 -21.99
CA LEU B 168 18.82 33.25 -23.42
C LEU B 168 19.49 34.52 -23.99
N ASP B 169 20.44 35.10 -23.28
CA ASP B 169 21.12 36.31 -23.83
C ASP B 169 21.79 36.05 -25.19
N ASN B 170 22.21 34.83 -25.43
CA ASN B 170 22.87 34.53 -26.70
C ASN B 170 21.99 33.76 -27.69
N HIS B 171 20.69 33.73 -27.38
CA HIS B 171 19.71 33.02 -28.19
C HIS B 171 18.48 33.86 -28.52
N PRO B 172 18.66 34.91 -29.33
CA PRO B 172 17.54 35.80 -29.66
C PRO B 172 16.40 35.09 -30.37
N ARG B 173 16.71 34.06 -31.17
CA ARG B 173 15.68 33.31 -31.89
C ARG B 173 14.75 32.54 -30.95
N LEU B 174 15.29 32.12 -29.80
CA LEU B 174 14.50 31.43 -28.76
C LEU B 174 13.62 32.41 -27.97
N VAL B 175 14.11 33.64 -27.83
CA VAL B 175 13.39 34.72 -27.13
C VAL B 175 12.20 35.08 -28.02
N THR B 176 12.44 35.14 -29.33
CA THR B 176 11.40 35.43 -30.31
C THR B 176 10.31 34.37 -30.22
N LEU B 177 10.71 33.10 -30.20
CA LEU B 177 9.74 32.02 -30.09
C LEU B 177 8.89 32.18 -28.83
N ARG B 178 9.53 32.40 -27.68
CA ARG B 178 8.82 32.64 -26.42
C ARG B 178 7.78 33.74 -26.57
N LYS B 179 8.21 34.87 -27.13
CA LYS B 179 7.34 36.02 -27.38
C LYS B 179 6.19 35.70 -28.33
N LYS B 180 6.47 34.91 -29.36
CA LYS B 180 5.44 34.47 -30.32
C LYS B 180 4.36 33.71 -29.57
N VAL B 181 4.77 32.76 -28.73
CA VAL B 181 3.82 32.01 -27.92
C VAL B 181 3.05 32.95 -26.98
N GLN B 182 3.77 33.86 -26.33
CA GLN B 182 3.12 34.79 -25.39
C GLN B 182 2.12 35.76 -26.07
N ALA B 183 2.19 35.88 -27.40
CA ALA B 183 1.35 36.79 -28.18
C ALA B 183 0.03 36.19 -28.65
N ILE B 184 -0.02 34.86 -28.74
CA ILE B 184 -1.25 34.15 -29.12
C ILE B 184 -2.34 34.60 -28.15
N PRO B 185 -3.43 35.19 -28.68
CA PRO B 185 -4.51 35.77 -27.85
C PRO B 185 -4.93 34.95 -26.63
N ALA B 186 -5.29 33.67 -26.82
CA ALA B 186 -5.75 32.81 -25.72
C ALA B 186 -4.67 32.62 -24.65
N VAL B 187 -3.41 32.60 -25.08
CA VAL B 187 -2.26 32.41 -24.18
C VAL B 187 -1.98 33.70 -23.45
N ALA B 188 -1.94 34.81 -24.20
CA ALA B 188 -1.79 36.15 -23.61
C ALA B 188 -2.85 36.39 -22.52
N ASN B 189 -4.10 36.04 -22.80
CA ASN B 189 -5.20 36.24 -21.82
C ASN B 189 -4.95 35.46 -20.53
N TRP B 190 -4.54 34.20 -20.69
CA TRP B 190 -4.25 33.33 -19.56
C TRP B 190 -3.06 33.86 -18.75
N ILE B 191 -2.02 34.32 -19.46
CA ILE B 191 -0.81 34.86 -18.83
C ILE B 191 -1.14 36.09 -17.99
N LYS B 192 -2.08 36.90 -18.47
CA LYS B 192 -2.45 38.10 -17.73
C LYS B 192 -3.29 37.79 -16.51
N ARG B 193 -4.22 36.84 -16.65
CA ARG B 193 -5.17 36.49 -15.57
C ARG B 193 -4.78 35.40 -14.58
N ARG B 194 -3.81 34.53 -14.93
CA ARG B 194 -3.44 33.41 -14.04
C ARG B 194 -2.86 33.86 -12.70
N PRO B 195 -2.96 33.00 -11.66
CA PRO B 195 -2.32 33.32 -10.40
C PRO B 195 -0.82 33.48 -10.60
N GLN B 196 -0.26 34.53 -10.00
CA GLN B 196 1.17 34.81 -10.08
C GLN B 196 1.92 34.11 -8.97
N THR B 197 2.62 33.05 -9.35
CA THR B 197 3.41 32.26 -8.44
C THR B 197 4.84 32.25 -8.98
N LYS B 198 5.79 31.93 -8.12
CA LYS B 198 7.19 31.86 -8.55
C LYS B 198 7.36 30.75 -9.59
N LEU B 199 6.86 29.56 -9.25
CA LEU B 199 7.03 28.37 -10.05
C LEU B 199 5.76 27.85 -10.70
N PRO C 2 17.15 -8.77 28.22
CA PRO C 2 16.62 -10.12 28.36
C PRO C 2 17.00 -11.00 27.18
N ASN C 3 17.14 -12.31 27.44
CA ASN C 3 17.47 -13.27 26.38
C ASN C 3 16.15 -13.83 25.86
N TYR C 4 15.86 -13.54 24.60
CA TYR C 4 14.60 -13.92 23.97
C TYR C 4 14.69 -15.07 22.98
N LYS C 5 13.78 -16.03 23.11
CA LYS C 5 13.70 -17.16 22.17
C LYS C 5 12.27 -17.37 21.66
N LEU C 6 12.07 -17.02 20.40
CA LEU C 6 10.76 -17.15 19.76
C LEU C 6 10.68 -18.49 19.04
N THR C 7 9.62 -19.24 19.34
CA THR C 7 9.39 -20.56 18.73
C THR C 7 8.07 -20.58 17.94
N TYR C 8 8.17 -20.95 16.67
CA TYR C 8 7.03 -21.06 15.75
C TYR C 8 7.44 -21.91 14.55
N PHE C 9 6.52 -22.12 13.61
CA PHE C 9 6.87 -22.83 12.37
C PHE C 9 7.65 -21.89 11.46
N ASN C 10 8.10 -22.40 10.32
CA ASN C 10 8.75 -21.57 9.32
C ASN C 10 7.63 -20.91 8.51
N MET C 11 7.05 -19.85 9.11
CA MET C 11 5.96 -19.05 8.54
C MET C 11 5.92 -17.71 9.30
N ARG C 12 5.34 -16.70 8.65
CA ARG C 12 5.13 -15.43 9.32
C ARG C 12 4.06 -15.74 10.38
N GLY C 13 2.91 -16.23 9.92
CA GLY C 13 1.81 -16.65 10.78
C GLY C 13 1.58 -15.77 11.98
N ARG C 14 1.35 -16.39 13.12
CA ARG C 14 1.07 -15.68 14.36
C ARG C 14 2.31 -15.19 15.09
N ALA C 15 3.50 -15.46 14.54
CA ALA C 15 4.71 -14.97 15.18
C ALA C 15 5.18 -13.66 14.59
N GLU C 16 4.76 -13.37 13.37
CA GLU C 16 5.26 -12.21 12.65
C GLU C 16 5.13 -10.87 13.41
N ILE C 17 4.01 -10.64 14.08
CA ILE C 17 3.82 -9.41 14.85
C ILE C 17 4.93 -9.26 15.89
N ILE C 18 5.30 -10.37 16.54
CA ILE C 18 6.40 -10.35 17.51
C ILE C 18 7.75 -10.05 16.79
N ARG C 19 7.94 -10.63 15.60
CA ARG C 19 9.17 -10.39 14.80
C ARG C 19 9.33 -8.95 14.36
N TYR C 20 8.21 -8.33 13.96
CA TYR C 20 8.17 -6.92 13.57
C TYR C 20 8.52 -6.04 14.76
N ILE C 21 7.93 -6.35 15.94
CA ILE C 21 8.19 -5.57 17.16
C ILE C 21 9.68 -5.61 17.52
N PHE C 22 10.26 -6.80 17.51
CA PHE C 22 11.68 -6.97 17.77
C PHE C 22 12.54 -6.16 16.79
N ALA C 23 12.28 -6.33 15.48
CA ALA C 23 12.98 -5.60 14.44
C ALA C 23 12.89 -4.08 14.65
N TYR C 24 11.69 -3.61 14.97
CA TYR C 24 11.47 -2.18 15.16
C TYR C 24 12.17 -1.61 16.41
N LEU C 25 12.12 -2.36 17.51
CA LEU C 25 12.75 -1.93 18.75
C LEU C 25 14.22 -2.31 18.82
N ASP C 26 14.73 -2.86 17.72
CA ASP C 26 16.12 -3.32 17.56
C ASP C 26 16.49 -4.28 18.68
N ILE C 27 15.61 -5.24 18.95
CA ILE C 27 15.84 -6.25 19.99
C ILE C 27 16.31 -7.56 19.35
N GLN C 28 17.55 -7.94 19.65
CA GLN C 28 18.12 -9.20 19.16
C GLN C 28 17.38 -10.34 19.86
N TYR C 29 17.16 -11.45 19.15
CA TYR C 29 16.43 -12.60 19.71
C TYR C 29 16.70 -13.85 18.87
N GLU C 30 16.42 -15.01 19.44
CA GLU C 30 16.57 -16.25 18.70
C GLU C 30 15.24 -16.51 17.99
N ASP C 31 15.28 -16.50 16.66
CA ASP C 31 14.10 -16.74 15.84
C ASP C 31 14.08 -18.23 15.50
N HIS C 32 13.63 -19.04 16.45
CA HIS C 32 13.64 -20.49 16.26
C HIS C 32 12.43 -20.97 15.50
N ARG C 33 12.68 -21.58 14.35
CA ARG C 33 11.63 -22.09 13.49
C ARG C 33 11.76 -23.60 13.42
N ILE C 34 10.70 -24.30 13.82
CA ILE C 34 10.67 -25.78 13.84
C ILE C 34 10.09 -26.40 12.57
N GLU C 35 10.48 -27.65 12.32
CA GLU C 35 9.95 -28.42 11.20
C GLU C 35 8.52 -28.84 11.58
N GLN C 36 7.58 -28.71 10.64
CA GLN C 36 6.19 -29.10 10.93
C GLN C 36 6.09 -30.60 11.17
N ALA C 37 7.18 -31.31 10.86
CA ALA C 37 7.28 -32.75 11.08
C ALA C 37 7.86 -33.06 12.47
N ASP C 38 8.22 -32.01 13.21
CA ASP C 38 8.77 -32.11 14.57
C ASP C 38 7.78 -31.59 15.61
N TRP C 39 6.67 -31.02 15.13
CA TRP C 39 5.66 -30.43 16.02
C TRP C 39 4.98 -31.38 17.01
N PRO C 40 4.46 -32.56 16.54
CA PRO C 40 3.73 -33.51 17.40
C PRO C 40 4.32 -33.69 18.80
N GLU C 41 5.63 -33.86 18.89
CA GLU C 41 6.31 -34.04 20.18
C GLU C 41 6.52 -32.75 20.96
N ILE C 42 6.80 -31.65 20.25
CA ILE C 42 7.03 -30.34 20.89
C ILE C 42 5.78 -29.85 21.61
N LYS C 43 4.61 -30.11 21.02
CA LYS C 43 3.31 -29.70 21.55
C LYS C 43 3.07 -30.06 23.03
N SER C 44 3.39 -31.29 23.41
CA SER C 44 3.17 -31.80 24.79
C SER C 44 3.87 -31.02 25.89
N THR C 45 5.06 -30.52 25.59
CA THR C 45 5.84 -29.76 26.55
C THR C 45 5.21 -28.41 26.89
N LEU C 46 4.44 -27.89 25.94
CA LEU C 46 3.78 -26.59 26.10
C LEU C 46 2.49 -26.72 26.92
N PRO C 47 2.41 -25.98 28.04
CA PRO C 47 1.27 -25.96 28.96
C PRO C 47 -0.09 -25.86 28.27
N PHE C 48 -0.15 -25.15 27.13
CA PHE C 48 -1.37 -24.99 26.35
C PHE C 48 -1.34 -25.56 24.92
N GLY C 49 -0.22 -26.17 24.56
CA GLY C 49 -0.05 -26.84 23.26
C GLY C 49 -0.10 -26.03 21.97
N LYS C 50 0.11 -24.72 22.06
CA LYS C 50 0.10 -23.85 20.87
C LYS C 50 1.36 -22.97 20.73
N ILE C 51 1.66 -22.59 19.50
CA ILE C 51 2.74 -21.64 19.19
C ILE C 51 2.11 -20.42 18.50
N PRO C 52 2.80 -19.26 18.53
CA PRO C 52 4.13 -19.04 19.09
C PRO C 52 4.21 -18.99 20.61
N ILE C 53 5.39 -19.29 21.13
CA ILE C 53 5.70 -19.10 22.54
C ILE C 53 6.93 -18.21 22.56
N LEU C 54 7.09 -17.41 23.61
CA LEU C 54 8.26 -16.57 23.75
C LEU C 54 8.87 -16.83 25.13
N GLU C 55 10.11 -17.30 25.14
CA GLU C 55 10.84 -17.56 26.37
C GLU C 55 11.65 -16.31 26.70
N VAL C 56 11.40 -15.77 27.89
CA VAL C 56 12.06 -14.56 28.37
C VAL C 56 12.78 -14.99 29.65
N ASP C 57 14.10 -15.15 29.58
CA ASP C 57 14.90 -15.60 30.72
C ASP C 57 14.36 -16.93 31.27
N GLY C 58 14.27 -17.92 30.38
CA GLY C 58 13.78 -19.24 30.76
C GLY C 58 12.27 -19.33 30.93
N LEU C 59 11.64 -18.23 31.31
CA LEU C 59 10.19 -18.13 31.52
C LEU C 59 9.43 -18.14 30.19
N THR C 60 8.44 -19.05 30.07
CA THR C 60 7.66 -19.23 28.84
C THR C 60 6.39 -18.34 28.77
N LEU C 61 6.20 -17.67 27.64
CA LEU C 61 4.99 -16.86 27.42
C LEU C 61 4.27 -17.40 26.20
N HIS C 62 2.94 -17.31 26.20
CA HIS C 62 2.15 -17.77 25.09
C HIS C 62 1.12 -16.68 24.68
N GLN C 63 0.45 -16.91 23.54
CA GLN C 63 -0.50 -15.95 22.94
C GLN C 63 0.21 -14.77 22.31
N SER C 64 0.28 -14.79 20.98
CA SER C 64 0.98 -13.76 20.21
C SER C 64 0.61 -12.33 20.52
N LEU C 65 -0.68 -12.06 20.76
CA LEU C 65 -1.15 -10.70 21.03
C LEU C 65 -0.91 -10.28 22.47
N ALA C 66 -1.01 -11.22 23.41
CA ALA C 66 -0.68 -10.94 24.79
C ALA C 66 0.82 -10.57 24.85
N ILE C 67 1.64 -11.33 24.12
CA ILE C 67 3.09 -11.10 24.02
C ILE C 67 3.36 -9.76 23.33
N ALA C 68 2.75 -9.53 22.16
CA ALA C 68 2.93 -8.25 21.47
C ALA C 68 2.61 -7.06 22.38
N ARG C 69 1.50 -7.15 23.12
CA ARG C 69 1.07 -6.07 24.01
C ARG C 69 2.12 -5.83 25.10
N TYR C 70 2.62 -6.91 25.69
CA TYR C 70 3.65 -6.85 26.72
C TYR C 70 4.92 -6.16 26.19
N LEU C 71 5.38 -6.59 25.01
CA LEU C 71 6.60 -6.04 24.40
C LEU C 71 6.56 -4.58 23.98
N THR C 72 5.36 -4.08 23.68
CA THR C 72 5.20 -2.70 23.21
C THR C 72 4.88 -1.70 24.30
N LYS C 73 4.52 -2.19 25.48
CA LYS C 73 4.18 -1.29 26.58
C LYS C 73 5.41 -0.42 26.83
N ASN C 74 5.19 0.89 27.03
CA ASN C 74 6.29 1.82 27.31
C ASN C 74 7.19 2.11 26.12
N THR C 75 6.72 1.79 24.92
CA THR C 75 7.48 2.04 23.71
C THR C 75 6.63 2.94 22.83
N ASP C 76 7.17 3.38 21.71
CA ASP C 76 6.42 4.24 20.78
C ASP C 76 5.36 3.49 19.95
N LEU C 77 5.30 2.17 20.09
CA LEU C 77 4.32 1.34 19.36
C LEU C 77 2.99 1.16 20.10
N ALA C 78 2.98 1.59 21.36
CA ALA C 78 1.77 1.57 22.16
C ALA C 78 0.95 2.80 21.82
N GLY C 79 -0.34 2.78 22.12
CA GLY C 79 -1.17 3.99 21.95
C GLY C 79 -0.57 5.07 22.85
N ASN C 80 -0.78 6.34 22.48
CA ASN C 80 -0.22 7.47 23.21
C ASN C 80 -0.99 7.81 24.51
N THR C 81 -2.21 7.28 24.60
CA THR C 81 -3.05 7.44 25.78
C THR C 81 -3.69 6.10 26.11
N GLU C 82 -4.38 6.04 27.25
CA GLU C 82 -5.09 4.85 27.67
C GLU C 82 -6.24 4.53 26.70
N MET C 83 -6.89 5.59 26.22
CA MET C 83 -7.98 5.47 25.25
C MET C 83 -7.47 4.91 23.91
N GLU C 84 -6.33 5.41 23.45
CA GLU C 84 -5.71 4.95 22.21
C GLU C 84 -5.30 3.48 22.32
N GLN C 85 -4.79 3.10 23.48
CA GLN C 85 -4.43 1.70 23.77
C GLN C 85 -5.70 0.85 23.60
N CYS C 86 -6.86 1.34 24.04
CA CYS C 86 -8.12 0.63 23.81
C CYS C 86 -8.40 0.50 22.31
N HIS C 87 -8.17 1.57 21.55
CA HIS C 87 -8.38 1.53 20.10
C HIS C 87 -7.38 0.58 19.41
N VAL C 88 -6.12 0.58 19.87
CA VAL C 88 -5.10 -0.35 19.33
C VAL C 88 -5.60 -1.78 19.51
N ASP C 89 -5.89 -2.17 20.74
CA ASP C 89 -6.42 -3.48 21.07
C ASP C 89 -7.65 -3.87 20.26
N ALA C 90 -8.62 -2.96 20.16
CA ALA C 90 -9.87 -3.20 19.43
C ALA C 90 -9.59 -3.52 17.95
N ILE C 91 -8.74 -2.70 17.29
CA ILE C 91 -8.40 -2.94 15.88
C ILE C 91 -7.63 -4.27 15.73
N VAL C 92 -6.70 -4.51 16.64
CA VAL C 92 -5.95 -5.77 16.62
C VAL C 92 -6.90 -6.99 16.74
N ASP C 93 -7.81 -6.95 17.70
CA ASP C 93 -8.77 -8.05 17.86
C ASP C 93 -9.72 -8.18 16.69
N THR C 94 -10.09 -7.08 16.08
CA THR C 94 -10.93 -7.09 14.90
C THR C 94 -10.21 -7.80 13.75
N LEU C 95 -8.93 -7.49 13.60
CA LEU C 95 -8.11 -8.15 12.57
C LEU C 95 -7.91 -9.63 12.91
N ASP C 96 -7.60 -9.92 14.17
CA ASP C 96 -7.36 -11.28 14.61
C ASP C 96 -8.59 -12.17 14.53
N ASP C 97 -9.75 -11.64 14.89
CA ASP C 97 -11.01 -12.39 14.86
C ASP C 97 -11.19 -12.94 13.46
N PHE C 98 -10.99 -12.08 12.48
CA PHE C 98 -11.17 -12.51 11.11
C PHE C 98 -10.17 -13.59 10.73
N MET C 99 -8.89 -13.35 11.03
CA MET C 99 -7.81 -14.31 10.70
C MET C 99 -7.96 -15.65 11.44
N SER C 100 -8.64 -15.63 12.58
CA SER C 100 -8.85 -16.82 13.39
C SER C 100 -10.02 -17.67 12.90
N CYS C 101 -10.86 -17.08 12.06
CA CYS C 101 -11.99 -17.80 11.46
C CYS C 101 -11.56 -18.84 10.43
N PHE C 102 -10.36 -18.65 9.89
CA PHE C 102 -9.82 -19.58 8.88
C PHE C 102 -9.45 -20.95 9.45
N PRO C 103 -9.98 -22.03 8.82
CA PRO C 103 -9.67 -23.40 9.24
C PRO C 103 -8.22 -23.82 8.92
N TRP C 104 -7.24 -23.09 9.48
CA TRP C 104 -5.82 -23.38 9.28
C TRP C 104 -5.57 -24.83 9.66
N ALA C 105 -4.69 -25.50 8.92
CA ALA C 105 -4.36 -26.89 9.19
C ALA C 105 -5.13 -27.49 10.39
N MET C 115 -14.31 -23.44 2.92
CA MET C 115 -14.52 -22.38 3.91
C MET C 115 -13.53 -21.20 3.75
N PHE C 116 -12.31 -21.48 3.27
CA PHE C 116 -11.34 -20.43 2.95
C PHE C 116 -11.90 -19.49 1.89
N ASN C 117 -12.25 -20.07 0.73
CA ASN C 117 -12.81 -19.29 -0.38
C ASN C 117 -14.05 -18.51 0.07
N GLU C 118 -14.91 -19.13 0.86
CA GLU C 118 -16.10 -18.45 1.38
C GLU C 118 -15.75 -17.26 2.28
N LEU C 119 -14.78 -17.46 3.18
CA LEU C 119 -14.31 -16.37 4.04
C LEU C 119 -13.66 -15.24 3.25
N LEU C 120 -12.80 -15.60 2.29
CA LEU C 120 -12.08 -14.62 1.47
C LEU C 120 -12.97 -13.86 0.52
N THR C 121 -13.77 -14.60 -0.24
CA THR C 121 -14.59 -13.95 -1.26
C THR C 121 -15.75 -13.16 -0.66
N TYR C 122 -16.35 -13.70 0.41
CA TYR C 122 -17.54 -13.08 1.00
C TYR C 122 -17.32 -12.13 2.18
N ASN C 123 -16.63 -12.57 3.22
CA ASN C 123 -16.43 -11.71 4.41
C ASN C 123 -15.34 -10.65 4.30
N ALA C 124 -14.23 -10.98 3.65
CA ALA C 124 -13.11 -10.05 3.54
C ALA C 124 -13.48 -8.64 3.02
N PRO C 125 -14.28 -8.55 1.92
CA PRO C 125 -14.67 -7.24 1.40
C PRO C 125 -15.32 -6.27 2.40
N HIS C 126 -16.27 -6.75 3.20
CA HIS C 126 -16.91 -5.89 4.19
C HIS C 126 -15.91 -5.44 5.26
N LEU C 127 -14.98 -6.33 5.64
CA LEU C 127 -13.94 -5.96 6.60
C LEU C 127 -13.06 -4.81 6.05
N MET C 128 -12.67 -4.92 4.78
CA MET C 128 -11.82 -3.90 4.14
C MET C 128 -12.56 -2.57 4.09
N GLN C 129 -13.87 -2.65 3.78
CA GLN C 129 -14.67 -1.45 3.69
C GLN C 129 -14.78 -0.78 5.05
N ASP C 130 -15.08 -1.58 6.07
CA ASP C 130 -15.15 -1.07 7.44
C ASP C 130 -13.81 -0.44 7.82
N LEU C 131 -12.71 -1.11 7.49
CA LEU C 131 -11.37 -0.55 7.80
C LEU C 131 -11.06 0.75 7.07
N ASP C 132 -11.42 0.82 5.79
CA ASP C 132 -11.17 2.01 4.98
C ASP C 132 -11.97 3.18 5.56
N THR C 133 -13.25 2.95 5.88
CA THR C 133 -14.07 4.01 6.46
C THR C 133 -13.48 4.48 7.80
N TYR C 134 -13.10 3.51 8.64
CA TYR C 134 -12.51 3.79 9.96
C TYR C 134 -11.21 4.59 9.88
N LEU C 135 -10.32 4.20 8.97
CA LEU C 135 -9.06 4.94 8.80
C LEU C 135 -9.35 6.36 8.34
N GLY C 136 -10.29 6.49 7.39
CA GLY C 136 -10.64 7.81 6.86
C GLY C 136 -9.39 8.50 6.33
N GLY C 137 -9.23 9.78 6.63
CA GLY C 137 -8.07 10.53 6.15
C GLY C 137 -6.85 10.48 7.05
N ARG C 138 -6.89 9.65 8.09
CA ARG C 138 -5.75 9.55 9.00
C ARG C 138 -4.54 8.91 8.35
N GLU C 139 -3.38 9.23 8.89
CA GLU C 139 -2.15 8.68 8.41
C GLU C 139 -1.99 7.24 8.91
N TRP C 140 -2.29 7.06 10.21
CA TRP C 140 -2.15 5.80 10.91
C TRP C 140 -3.49 5.36 11.52
N LEU C 141 -3.61 4.07 11.84
CA LEU C 141 -4.87 3.55 12.38
C LEU C 141 -5.34 4.22 13.67
N ILE C 142 -4.42 4.45 14.60
CA ILE C 142 -4.74 5.07 15.88
C ILE C 142 -3.78 6.21 16.18
N GLY C 143 -4.35 7.35 16.54
CA GLY C 143 -3.55 8.51 16.94
C GLY C 143 -2.79 9.14 15.80
N ASN C 144 -1.67 9.79 16.11
CA ASN C 144 -0.91 10.53 15.09
C ASN C 144 0.44 9.91 14.75
N SER C 145 0.66 8.69 15.24
CA SER C 145 1.90 7.96 14.95
C SER C 145 1.64 6.47 14.84
N VAL C 146 2.63 5.75 14.30
CA VAL C 146 2.55 4.31 14.07
C VAL C 146 2.41 3.57 15.39
N THR C 147 1.57 2.54 15.41
CA THR C 147 1.38 1.70 16.60
C THR C 147 1.48 0.27 16.08
N TRP C 148 1.49 -0.71 16.99
CA TRP C 148 1.58 -2.10 16.60
C TRP C 148 0.30 -2.57 15.88
N ALA C 149 -0.75 -1.74 15.88
CA ALA C 149 -1.99 -2.02 15.13
C ALA C 149 -1.73 -1.84 13.63
N ASP C 150 -0.89 -0.86 13.28
CA ASP C 150 -0.52 -0.61 11.88
C ASP C 150 0.30 -1.79 11.38
N PHE C 151 1.18 -2.32 12.23
CA PHE C 151 1.99 -3.47 11.90
C PHE C 151 1.08 -4.67 11.66
N TYR C 152 0.10 -4.85 12.53
CA TYR C 152 -0.77 -6.03 12.43
C TYR C 152 -1.64 -5.98 11.17
N TRP C 153 -2.03 -4.77 10.79
CA TRP C 153 -2.77 -4.61 9.53
C TRP C 153 -1.92 -5.04 8.34
N GLU C 154 -0.68 -4.56 8.28
CA GLU C 154 0.22 -4.92 7.17
C GLU C 154 0.44 -6.43 7.12
N ILE C 155 0.68 -7.02 8.29
CA ILE C 155 0.87 -8.49 8.45
C ILE C 155 -0.35 -9.31 8.00
N CYS C 156 -1.51 -8.96 8.52
CA CYS C 156 -2.73 -9.65 8.17
C CYS C 156 -3.10 -9.47 6.69
N SER C 157 -3.03 -8.24 6.20
CA SER C 157 -3.37 -7.96 4.80
C SER C 157 -2.44 -8.69 3.83
N THR C 158 -1.17 -8.84 4.20
CA THR C 158 -0.20 -9.59 3.39
C THR C 158 -0.71 -11.00 3.14
N THR C 159 -1.07 -11.70 4.21
CA THR C 159 -1.59 -13.06 4.11
C THR C 159 -2.90 -13.14 3.32
N LEU C 160 -3.80 -12.20 3.56
CA LEU C 160 -5.10 -12.15 2.87
C LEU C 160 -4.91 -11.91 1.38
N LEU C 161 -3.91 -11.11 1.04
CA LEU C 161 -3.57 -10.82 -0.35
C LEU C 161 -3.05 -12.05 -1.10
N VAL C 162 -2.44 -12.98 -0.35
CA VAL C 162 -1.92 -14.22 -0.92
C VAL C 162 -3.04 -15.08 -1.49
N PHE C 163 -4.15 -15.10 -0.76
CA PHE C 163 -5.33 -15.83 -1.11
C PHE C 163 -6.31 -15.06 -1.97
N LYS C 164 -6.28 -13.74 -1.86
CA LYS C 164 -7.24 -12.94 -2.60
C LYS C 164 -6.50 -11.69 -3.03
N PRO C 165 -5.78 -11.80 -4.16
CA PRO C 165 -4.96 -10.70 -4.67
C PRO C 165 -5.70 -9.41 -4.99
N ASP C 166 -7.02 -9.47 -5.16
CA ASP C 166 -7.77 -8.27 -5.50
C ASP C 166 -8.39 -7.59 -4.28
N LEU C 167 -7.98 -8.01 -3.09
CA LEU C 167 -8.53 -7.52 -1.83
C LEU C 167 -8.56 -5.99 -1.72
N LEU C 168 -7.48 -5.35 -2.14
CA LEU C 168 -7.32 -3.92 -1.98
C LEU C 168 -7.34 -3.13 -3.28
N ASP C 169 -7.85 -3.73 -4.36
CA ASP C 169 -7.90 -3.04 -5.65
C ASP C 169 -8.73 -1.76 -5.56
N ASN C 170 -9.75 -1.78 -4.71
CA ASN C 170 -10.57 -0.59 -4.56
C ASN C 170 -10.35 0.17 -3.25
N HIS C 171 -9.24 -0.10 -2.57
CA HIS C 171 -8.94 0.56 -1.29
C HIS C 171 -7.52 1.14 -1.23
N PRO C 172 -7.25 2.18 -2.04
CA PRO C 172 -5.92 2.81 -2.07
C PRO C 172 -5.47 3.34 -0.71
N ARG C 173 -6.38 3.81 0.13
CA ARG C 173 -5.96 4.29 1.47
C ARG C 173 -5.41 3.18 2.37
N LEU C 174 -5.91 1.96 2.18
CA LEU C 174 -5.44 0.81 2.95
C LEU C 174 -4.12 0.33 2.36
N VAL C 175 -4.00 0.42 1.04
CA VAL C 175 -2.72 0.12 0.37
C VAL C 175 -1.68 1.13 0.84
N THR C 176 -2.05 2.42 0.88
CA THR C 176 -1.14 3.46 1.38
C THR C 176 -0.58 3.10 2.75
N LEU C 177 -1.46 2.63 3.65
CA LEU C 177 -1.02 2.28 4.99
C LEU C 177 0.02 1.14 4.96
N ARG C 178 -0.21 0.15 4.11
CA ARG C 178 0.74 -0.95 3.90
C ARG C 178 2.10 -0.36 3.49
N LYS C 179 2.10 0.52 2.48
CA LYS C 179 3.34 1.17 2.02
C LYS C 179 4.08 1.89 3.14
N LYS C 180 3.35 2.64 3.96
CA LYS C 180 3.94 3.37 5.08
C LYS C 180 4.58 2.46 6.13
N VAL C 181 3.95 1.33 6.42
CA VAL C 181 4.55 0.38 7.35
C VAL C 181 5.79 -0.23 6.70
N GLN C 182 5.66 -0.71 5.47
CA GLN C 182 6.78 -1.34 4.78
C GLN C 182 7.92 -0.37 4.49
N ALA C 183 7.65 0.93 4.56
CA ALA C 183 8.67 1.96 4.33
C ALA C 183 9.52 2.28 5.58
N ILE C 184 9.07 1.84 6.75
CA ILE C 184 9.82 2.01 7.98
C ILE C 184 11.11 1.18 7.85
N PRO C 185 12.30 1.83 7.90
CA PRO C 185 13.58 1.13 7.70
C PRO C 185 13.74 -0.20 8.44
N ALA C 186 13.48 -0.25 9.74
CA ALA C 186 13.55 -1.49 10.51
C ALA C 186 12.62 -2.61 9.99
N VAL C 187 11.43 -2.22 9.52
CA VAL C 187 10.46 -3.15 8.97
C VAL C 187 10.90 -3.59 7.57
N ALA C 188 11.29 -2.63 6.73
CA ALA C 188 11.75 -2.91 5.37
C ALA C 188 12.95 -3.87 5.34
N ASN C 189 13.85 -3.73 6.32
CA ASN C 189 15.01 -4.59 6.38
C ASN C 189 14.60 -6.02 6.76
N TRP C 190 13.70 -6.13 7.75
CA TRP C 190 13.18 -7.43 8.13
C TRP C 190 12.45 -8.11 6.96
N ILE C 191 11.56 -7.38 6.28
CA ILE C 191 10.85 -7.93 5.13
C ILE C 191 11.83 -8.54 4.11
N LYS C 192 12.92 -7.83 3.83
CA LYS C 192 13.97 -8.30 2.91
C LYS C 192 14.65 -9.57 3.35
N ARG C 193 14.99 -9.62 4.63
CA ARG C 193 15.74 -10.67 5.28
C ARG C 193 14.99 -11.97 5.63
N ARG C 194 13.76 -11.84 6.14
CA ARG C 194 12.98 -13.00 6.58
C ARG C 194 12.79 -14.12 5.51
N PRO C 195 12.71 -15.38 5.95
CA PRO C 195 12.47 -16.46 5.00
C PRO C 195 11.18 -16.22 4.21
N GLN C 196 11.23 -16.35 2.89
CA GLN C 196 10.06 -16.17 2.04
C GLN C 196 9.09 -17.35 2.16
N THR C 197 7.89 -17.05 2.66
CA THR C 197 6.88 -18.07 2.85
C THR C 197 5.55 -17.56 2.32
N LYS C 198 4.63 -18.48 2.06
CA LYS C 198 3.31 -18.11 1.59
C LYS C 198 2.53 -17.50 2.76
N LEU C 199 2.59 -18.20 3.89
CA LEU C 199 1.87 -17.88 5.12
C LEU C 199 2.76 -17.25 6.18
N PRO D 2 -17.87 8.64 34.12
CA PRO D 2 -18.18 8.82 32.72
C PRO D 2 -19.59 8.35 32.41
N ASN D 3 -20.14 8.81 31.28
CA ASN D 3 -21.51 8.46 30.88
C ASN D 3 -21.60 7.14 30.10
N TYR D 4 -21.10 6.07 30.71
CA TYR D 4 -21.09 4.76 30.06
C TYR D 4 -22.44 4.19 29.64
N LYS D 5 -22.51 3.76 28.38
CA LYS D 5 -23.68 3.07 27.83
C LYS D 5 -23.22 1.83 27.06
N LEU D 6 -23.54 0.66 27.59
CA LEU D 6 -23.19 -0.62 26.98
C LEU D 6 -24.33 -1.12 26.12
N THR D 7 -24.04 -1.54 24.89
CA THR D 7 -25.05 -2.10 23.98
C THR D 7 -24.75 -3.55 23.59
N TYR D 8 -25.73 -4.43 23.78
CA TYR D 8 -25.57 -5.84 23.41
C TYR D 8 -26.94 -6.52 23.35
N PHE D 9 -26.98 -7.80 22.98
CA PHE D 9 -28.23 -8.56 22.96
C PHE D 9 -28.59 -8.89 24.42
N ASN D 10 -29.82 -9.35 24.65
CA ASN D 10 -30.23 -9.71 26.00
C ASN D 10 -29.67 -11.11 26.32
N MET D 11 -28.37 -11.12 26.60
CA MET D 11 -27.60 -12.31 26.93
C MET D 11 -26.44 -11.86 27.77
N ARG D 12 -25.78 -12.82 28.41
CA ARG D 12 -24.54 -12.54 29.09
C ARG D 12 -23.56 -12.42 27.93
N GLY D 13 -23.41 -13.51 27.16
CA GLY D 13 -22.56 -13.58 25.97
C GLY D 13 -21.22 -12.89 26.12
N ARG D 14 -20.91 -12.01 25.17
CA ARG D 14 -19.64 -11.29 25.14
C ARG D 14 -19.63 -9.98 25.92
N ALA D 15 -20.79 -9.52 26.38
CA ALA D 15 -20.87 -8.30 27.14
C ALA D 15 -20.66 -8.57 28.62
N GLU D 16 -20.86 -9.80 29.06
CA GLU D 16 -20.82 -10.11 30.50
C GLU D 16 -19.54 -9.69 31.23
N ILE D 17 -18.40 -9.91 30.59
CA ILE D 17 -17.13 -9.55 31.19
C ILE D 17 -17.12 -8.08 31.60
N ILE D 18 -17.67 -7.22 30.75
CA ILE D 18 -17.77 -5.78 30.99
C ILE D 18 -18.74 -5.50 32.14
N ARG D 19 -19.85 -6.24 32.15
CA ARG D 19 -20.85 -6.13 33.22
C ARG D 19 -20.28 -6.50 34.58
N TYR D 20 -19.49 -7.57 34.65
CA TYR D 20 -18.80 -7.96 35.89
C TYR D 20 -17.86 -6.88 36.39
N ILE D 21 -17.08 -6.30 35.47
CA ILE D 21 -16.09 -5.29 35.82
C ILE D 21 -16.77 -4.00 36.33
N PHE D 22 -17.85 -3.58 35.66
CA PHE D 22 -18.64 -2.42 36.11
C PHE D 22 -19.25 -2.68 37.49
N ALA D 23 -19.70 -3.91 37.71
CA ALA D 23 -20.29 -4.31 38.98
C ALA D 23 -19.22 -4.30 40.07
N TYR D 24 -18.08 -4.91 39.79
CA TYR D 24 -16.99 -4.98 40.75
C TYR D 24 -16.43 -3.60 41.12
N LEU D 25 -16.32 -2.72 40.13
CA LEU D 25 -15.80 -1.36 40.35
C LEU D 25 -16.87 -0.38 40.79
N ASP D 26 -18.10 -0.87 40.93
CA ASP D 26 -19.23 -0.05 41.38
C ASP D 26 -19.36 1.20 40.48
N ILE D 27 -19.51 0.97 39.18
CA ILE D 27 -19.56 2.07 38.20
C ILE D 27 -20.89 2.06 37.47
N GLN D 28 -21.58 3.19 37.43
CA GLN D 28 -22.88 3.28 36.74
C GLN D 28 -22.70 3.24 35.23
N TYR D 29 -23.65 2.60 34.57
CA TYR D 29 -23.68 2.49 33.13
C TYR D 29 -25.08 2.09 32.72
N GLU D 30 -25.45 2.48 31.52
CA GLU D 30 -26.71 2.07 30.98
C GLU D 30 -26.45 0.72 30.32
N ASP D 31 -27.13 -0.31 30.83
CA ASP D 31 -27.05 -1.65 30.32
C ASP D 31 -28.15 -1.77 29.29
N HIS D 32 -27.84 -1.32 28.07
CA HIS D 32 -28.80 -1.36 26.98
C HIS D 32 -28.77 -2.71 26.25
N ARG D 33 -29.88 -3.42 26.33
CA ARG D 33 -30.05 -4.73 25.72
C ARG D 33 -31.03 -4.60 24.57
N ILE D 34 -30.65 -5.12 23.42
CA ILE D 34 -31.49 -5.04 22.23
C ILE D 34 -32.04 -6.40 21.84
N GLU D 35 -33.15 -6.38 21.09
CA GLU D 35 -33.74 -7.62 20.60
C GLU D 35 -33.36 -7.72 19.12
N GLN D 36 -33.47 -8.93 18.55
CA GLN D 36 -33.08 -9.19 17.16
C GLN D 36 -33.68 -8.30 16.07
N ALA D 37 -34.89 -7.79 16.30
CA ALA D 37 -35.58 -6.93 15.35
C ALA D 37 -34.91 -5.57 15.14
N ASP D 38 -34.42 -4.96 16.22
CA ASP D 38 -33.77 -3.65 16.14
C ASP D 38 -32.31 -3.75 15.70
N TRP D 39 -31.79 -4.97 15.67
CA TRP D 39 -30.37 -5.22 15.33
C TRP D 39 -29.89 -4.80 13.92
N PRO D 40 -30.56 -5.26 12.85
CA PRO D 40 -30.08 -4.88 11.52
C PRO D 40 -29.87 -3.37 11.29
N GLU D 41 -30.76 -2.53 11.83
CA GLU D 41 -30.60 -1.08 11.65
C GLU D 41 -29.51 -0.46 12.56
N ILE D 42 -29.33 -1.06 13.74
CA ILE D 42 -28.25 -0.65 14.65
C ILE D 42 -26.90 -1.08 14.05
N LYS D 43 -26.86 -2.28 13.50
CA LYS D 43 -25.66 -2.86 12.89
C LYS D 43 -25.04 -1.93 11.84
N SER D 44 -25.89 -1.37 10.98
CA SER D 44 -25.49 -0.45 9.91
C SER D 44 -24.80 0.83 10.37
N THR D 45 -25.00 1.19 11.63
CA THR D 45 -24.43 2.42 12.16
C THR D 45 -23.12 2.22 12.90
N LEU D 46 -22.78 0.95 13.16
CA LEU D 46 -21.57 0.60 13.89
C LEU D 46 -20.41 0.49 12.91
N PRO D 47 -19.25 1.06 13.26
CA PRO D 47 -18.06 1.04 12.39
C PRO D 47 -17.58 -0.35 11.98
N PHE D 48 -17.88 -1.38 12.77
CA PHE D 48 -17.49 -2.74 12.42
C PHE D 48 -18.67 -3.71 12.45
N GLY D 49 -19.86 -3.16 12.70
CA GLY D 49 -21.11 -3.93 12.68
C GLY D 49 -21.19 -5.08 13.67
N LYS D 50 -20.57 -4.90 14.83
CA LYS D 50 -20.60 -5.93 15.85
C LYS D 50 -20.86 -5.38 17.24
N ILE D 51 -21.50 -6.20 18.08
CA ILE D 51 -21.72 -5.86 19.49
C ILE D 51 -20.99 -6.88 20.37
N PRO D 52 -20.60 -6.50 21.59
CA PRO D 52 -20.85 -5.24 22.31
C PRO D 52 -20.10 -3.97 21.87
N ILE D 53 -20.73 -2.82 22.14
CA ILE D 53 -20.06 -1.54 22.01
C ILE D 53 -20.25 -0.82 23.34
N LEU D 54 -19.33 0.07 23.66
CA LEU D 54 -19.41 0.88 24.85
C LEU D 54 -19.24 2.34 24.45
N GLU D 55 -20.30 3.12 24.61
CA GLU D 55 -20.20 4.52 24.30
C GLU D 55 -19.84 5.27 25.56
N VAL D 56 -18.91 6.19 25.40
CA VAL D 56 -18.40 7.03 26.47
C VAL D 56 -18.20 8.38 25.81
N ASP D 57 -18.70 9.44 26.45
CA ASP D 57 -18.50 10.81 25.97
C ASP D 57 -18.60 10.93 24.44
N GLY D 58 -19.66 10.38 23.84
CA GLY D 58 -19.84 10.47 22.39
C GLY D 58 -18.94 9.59 21.53
N LEU D 59 -17.96 8.92 22.15
CA LEU D 59 -17.09 7.99 21.44
C LEU D 59 -17.73 6.62 21.48
N THR D 60 -17.46 5.80 20.48
CA THR D 60 -17.90 4.43 20.50
C THR D 60 -16.66 3.54 20.62
N LEU D 61 -16.71 2.61 21.56
CA LEU D 61 -15.65 1.64 21.75
C LEU D 61 -16.25 0.31 21.37
N HIS D 62 -15.41 -0.63 20.92
CA HIS D 62 -15.86 -1.96 20.52
C HIS D 62 -14.80 -3.00 20.91
N GLN D 63 -15.13 -4.29 20.72
CA GLN D 63 -14.29 -5.42 21.09
C GLN D 63 -14.31 -5.62 22.61
N SER D 64 -15.05 -6.64 23.02
CA SER D 64 -15.31 -6.84 24.45
C SER D 64 -14.09 -6.85 25.34
N LEU D 65 -13.04 -7.52 24.91
CA LEU D 65 -11.81 -7.70 25.69
C LEU D 65 -10.94 -6.46 25.69
N ALA D 66 -10.94 -5.73 24.57
CA ALA D 66 -10.22 -4.46 24.48
C ALA D 66 -10.84 -3.51 25.50
N ILE D 67 -12.17 -3.49 25.57
CA ILE D 67 -12.93 -2.63 26.50
C ILE D 67 -12.64 -3.08 27.92
N ALA D 68 -12.70 -4.39 28.15
CA ALA D 68 -12.46 -4.97 29.46
C ALA D 68 -11.07 -4.62 29.96
N ARG D 69 -10.09 -4.65 29.07
CA ARG D 69 -8.71 -4.32 29.44
C ARG D 69 -8.62 -2.84 29.81
N TYR D 70 -9.25 -2.00 28.99
CA TYR D 70 -9.27 -0.56 29.20
C TYR D 70 -9.88 -0.20 30.58
N LEU D 71 -11.01 -0.82 30.91
CA LEU D 71 -11.74 -0.57 32.16
C LEU D 71 -11.05 -1.09 33.46
N THR D 72 -10.14 -2.04 33.33
CA THR D 72 -9.47 -2.62 34.49
C THR D 72 -8.07 -2.11 34.73
N LYS D 73 -7.59 -1.30 33.81
CA LYS D 73 -6.26 -0.72 33.89
C LYS D 73 -6.26 0.19 35.12
N ASN D 74 -5.17 0.16 35.88
CA ASN D 74 -5.03 0.98 37.09
C ASN D 74 -6.07 0.62 38.16
N THR D 75 -6.65 -0.57 38.05
CA THR D 75 -7.58 -1.08 39.04
C THR D 75 -6.97 -2.34 39.58
N ASP D 76 -7.61 -2.93 40.58
CA ASP D 76 -7.08 -4.14 41.18
C ASP D 76 -7.38 -5.43 40.40
N LEU D 77 -8.16 -5.30 39.32
CA LEU D 77 -8.51 -6.44 38.46
C LEU D 77 -7.44 -6.72 37.41
N ALA D 78 -6.53 -5.75 37.25
CA ALA D 78 -5.41 -5.87 36.35
C ALA D 78 -4.37 -6.73 37.06
N GLY D 79 -3.45 -7.31 36.30
CA GLY D 79 -2.37 -8.07 36.91
C GLY D 79 -1.58 -7.08 37.75
N ASN D 80 -0.91 -7.58 38.77
CA ASN D 80 -0.15 -6.72 39.70
C ASN D 80 1.09 -6.06 39.09
N THR D 81 1.66 -6.72 38.07
CA THR D 81 2.84 -6.25 37.35
C THR D 81 2.59 -6.39 35.83
N GLU D 82 3.52 -5.87 35.03
CA GLU D 82 3.46 -5.96 33.58
C GLU D 82 3.50 -7.41 33.09
N MET D 83 4.31 -8.23 33.76
CA MET D 83 4.40 -9.64 33.41
C MET D 83 3.10 -10.38 33.75
N GLU D 84 2.55 -10.12 34.94
CA GLU D 84 1.27 -10.72 35.34
C GLU D 84 0.15 -10.26 34.42
N GLN D 85 0.24 -9.02 33.94
CA GLN D 85 -0.71 -8.47 32.98
C GLN D 85 -0.64 -9.28 31.67
N CYS D 86 0.57 -9.65 31.26
CA CYS D 86 0.75 -10.47 30.06
C CYS D 86 0.07 -11.85 30.23
N HIS D 87 0.24 -12.45 31.42
CA HIS D 87 -0.40 -13.72 31.74
C HIS D 87 -1.92 -13.59 31.73
N VAL D 88 -2.44 -12.51 32.32
CA VAL D 88 -3.89 -12.25 32.31
C VAL D 88 -4.40 -12.26 30.85
N ASP D 89 -3.75 -11.46 30.01
CA ASP D 89 -4.09 -11.35 28.57
C ASP D 89 -4.04 -12.70 27.85
N ALA D 90 -3.02 -13.49 28.15
CA ALA D 90 -2.81 -14.81 27.55
C ALA D 90 -3.89 -15.82 27.92
N ILE D 91 -4.31 -15.81 29.19
CA ILE D 91 -5.36 -16.73 29.66
C ILE D 91 -6.71 -16.37 29.06
N VAL D 92 -6.97 -15.06 29.01
CA VAL D 92 -8.20 -14.50 28.46
C VAL D 92 -8.31 -14.85 26.97
N ASP D 93 -7.21 -14.68 26.22
CA ASP D 93 -7.22 -15.05 24.81
C ASP D 93 -7.39 -16.55 24.61
N THR D 94 -6.75 -17.36 25.44
CA THR D 94 -6.90 -18.82 25.39
C THR D 94 -8.36 -19.20 25.59
N LEU D 95 -9.00 -18.57 26.56
CA LEU D 95 -10.42 -18.78 26.80
C LEU D 95 -11.23 -18.27 25.62
N ASP D 96 -10.95 -17.04 25.19
CA ASP D 96 -11.70 -16.45 24.07
C ASP D 96 -11.48 -17.21 22.78
N ASP D 97 -10.26 -17.68 22.52
CA ASP D 97 -10.01 -18.46 21.30
C ASP D 97 -10.95 -19.66 21.23
N PHE D 98 -11.09 -20.37 22.35
CA PHE D 98 -11.98 -21.53 22.39
C PHE D 98 -13.47 -21.19 22.23
N MET D 99 -13.96 -20.19 22.96
CA MET D 99 -15.35 -19.80 22.89
C MET D 99 -15.71 -19.30 21.51
N SER D 100 -14.72 -18.72 20.83
CA SER D 100 -14.88 -18.14 19.51
C SER D 100 -15.00 -19.18 18.40
N CYS D 101 -14.57 -20.42 18.68
CA CYS D 101 -14.70 -21.54 17.72
C CYS D 101 -16.14 -22.04 17.56
N PHE D 102 -17.01 -21.71 18.52
CA PHE D 102 -18.40 -22.16 18.48
C PHE D 102 -19.20 -21.43 17.43
N PRO D 103 -20.05 -22.15 16.66
CA PRO D 103 -20.81 -21.44 15.64
C PRO D 103 -22.12 -20.89 16.20
N TRP D 104 -22.00 -19.85 17.01
CA TRP D 104 -23.14 -19.19 17.68
C TRP D 104 -24.20 -18.66 16.74
N ALA D 105 -23.80 -18.30 15.53
CA ALA D 105 -24.72 -17.72 14.56
C ALA D 105 -25.36 -18.72 13.59
N GLU D 106 -24.86 -19.95 13.59
CA GLU D 106 -25.31 -21.01 12.67
C GLU D 106 -26.83 -21.20 12.72
N LYS D 107 -27.47 -20.99 11.58
CA LYS D 107 -28.93 -21.04 11.48
C LYS D 107 -29.51 -22.42 11.15
N LYS D 108 -28.62 -23.38 10.87
CA LYS D 108 -28.98 -24.77 10.59
C LYS D 108 -28.64 -25.57 11.85
N GLN D 109 -29.64 -25.80 12.70
CA GLN D 109 -29.45 -26.46 14.00
C GLN D 109 -28.68 -27.79 13.98
N ASP D 110 -28.86 -28.61 12.95
CA ASP D 110 -28.14 -29.88 12.89
C ASP D 110 -26.63 -29.66 12.82
N VAL D 111 -26.21 -28.77 11.93
CA VAL D 111 -24.79 -28.43 11.78
C VAL D 111 -24.26 -27.81 13.09
N LYS D 112 -25.06 -26.95 13.70
CA LYS D 112 -24.73 -26.28 14.95
C LYS D 112 -24.54 -27.26 16.11
N GLU D 113 -25.52 -28.15 16.29
CA GLU D 113 -25.45 -29.15 17.36
C GLU D 113 -24.22 -30.06 17.20
N GLN D 114 -24.04 -30.59 16.00
CA GLN D 114 -22.90 -31.45 15.66
C GLN D 114 -21.55 -30.80 15.97
N MET D 115 -21.40 -29.52 15.65
CA MET D 115 -20.14 -28.83 15.89
C MET D 115 -19.98 -28.54 17.39
N PHE D 116 -21.09 -28.17 18.04
CA PHE D 116 -21.13 -27.97 19.49
C PHE D 116 -20.73 -29.24 20.23
N ASN D 117 -21.20 -30.40 19.74
CA ASN D 117 -20.85 -31.69 20.33
C ASN D 117 -19.38 -32.02 20.08
N GLU D 118 -18.91 -31.73 18.86
CA GLU D 118 -17.53 -31.99 18.48
C GLU D 118 -16.57 -31.27 19.42
N LEU D 119 -16.70 -29.94 19.48
CA LEU D 119 -15.88 -29.07 20.33
C LEU D 119 -15.96 -29.48 21.82
N LEU D 120 -17.16 -29.71 22.32
CA LEU D 120 -17.34 -30.05 23.73
C LEU D 120 -16.81 -31.41 24.18
N THR D 121 -16.94 -32.43 23.33
CA THR D 121 -16.52 -33.79 23.70
C THR D 121 -15.07 -34.10 23.32
N TYR D 122 -14.53 -33.39 22.35
CA TYR D 122 -13.15 -33.62 21.88
C TYR D 122 -12.13 -32.55 22.28
N ASN D 123 -12.52 -31.27 22.18
CA ASN D 123 -11.61 -30.16 22.45
C ASN D 123 -11.66 -29.65 23.91
N ALA D 124 -12.86 -29.46 24.42
CA ALA D 124 -13.08 -28.97 25.79
C ALA D 124 -12.31 -29.70 26.89
N PRO D 125 -12.41 -31.06 26.97
CA PRO D 125 -11.68 -31.78 28.03
C PRO D 125 -10.19 -31.47 28.09
N HIS D 126 -9.58 -31.29 26.92
CA HIS D 126 -8.17 -30.99 26.83
C HIS D 126 -7.87 -29.58 27.33
N LEU D 127 -8.77 -28.65 27.02
CA LEU D 127 -8.63 -27.29 27.50
C LEU D 127 -8.80 -27.23 29.02
N MET D 128 -9.71 -28.03 29.56
CA MET D 128 -9.93 -28.05 31.00
C MET D 128 -8.70 -28.59 31.72
N GLN D 129 -8.06 -29.60 31.12
CA GLN D 129 -6.87 -30.21 31.69
C GLN D 129 -5.71 -29.21 31.72
N ASP D 130 -5.52 -28.47 30.62
CA ASP D 130 -4.48 -27.45 30.55
C ASP D 130 -4.68 -26.35 31.59
N LEU D 131 -5.92 -25.88 31.72
CA LEU D 131 -6.28 -24.87 32.74
C LEU D 131 -6.09 -25.39 34.17
N ASP D 132 -6.43 -26.66 34.40
CA ASP D 132 -6.30 -27.31 35.71
C ASP D 132 -4.82 -27.31 36.11
N THR D 133 -3.97 -27.81 35.22
CA THR D 133 -2.53 -27.86 35.44
C THR D 133 -1.93 -26.47 35.55
N TYR D 134 -2.38 -25.55 34.70
CA TYR D 134 -1.91 -24.17 34.74
C TYR D 134 -2.16 -23.54 36.10
N LEU D 135 -3.36 -23.76 36.64
CA LEU D 135 -3.74 -23.23 37.93
C LEU D 135 -2.90 -23.88 39.03
N GLY D 136 -2.62 -25.17 38.87
CA GLY D 136 -1.87 -25.92 39.87
C GLY D 136 -2.67 -25.90 41.15
N GLY D 137 -2.00 -25.62 42.26
CA GLY D 137 -2.68 -25.53 43.55
C GLY D 137 -2.85 -24.11 44.03
N ARG D 138 -2.76 -23.15 43.10
CA ARG D 138 -2.90 -21.72 43.42
C ARG D 138 -4.33 -21.29 43.67
N GLU D 139 -4.48 -20.15 44.34
CA GLU D 139 -5.80 -19.60 44.70
C GLU D 139 -6.50 -19.00 43.48
N TRP D 140 -5.75 -18.22 42.71
CA TRP D 140 -6.24 -17.55 41.52
C TRP D 140 -5.38 -17.92 40.31
N LEU D 141 -5.89 -17.65 39.12
CA LEU D 141 -5.17 -17.97 37.87
C LEU D 141 -3.85 -17.22 37.74
N ILE D 142 -3.87 -15.93 38.05
CA ILE D 142 -2.69 -15.08 37.94
C ILE D 142 -2.42 -14.28 39.22
N GLY D 143 -1.17 -14.35 39.70
CA GLY D 143 -0.72 -13.60 40.88
C GLY D 143 -1.34 -14.06 42.18
N ASN D 144 -1.33 -13.19 43.19
CA ASN D 144 -1.91 -13.58 44.50
C ASN D 144 -3.30 -13.03 44.83
N SER D 145 -3.94 -12.42 43.83
CA SER D 145 -5.29 -11.90 43.96
C SER D 145 -6.08 -12.03 42.65
N VAL D 146 -7.38 -11.80 42.75
CA VAL D 146 -8.29 -11.95 41.63
C VAL D 146 -8.01 -10.92 40.51
N THR D 147 -8.15 -11.39 39.27
CA THR D 147 -7.99 -10.61 38.05
C THR D 147 -9.23 -10.82 37.16
N TRP D 148 -9.34 -10.05 36.08
CA TRP D 148 -10.48 -10.24 35.19
C TRP D 148 -10.36 -11.54 34.39
N ALA D 149 -9.20 -12.21 34.50
CA ALA D 149 -9.05 -13.53 33.90
C ALA D 149 -9.89 -14.55 34.71
N ASP D 150 -9.90 -14.39 36.05
CA ASP D 150 -10.73 -15.25 36.90
C ASP D 150 -12.20 -14.97 36.56
N PHE D 151 -12.51 -13.68 36.43
CA PHE D 151 -13.83 -13.24 36.00
C PHE D 151 -14.20 -13.94 34.69
N TYR D 152 -13.31 -13.88 33.69
CA TYR D 152 -13.59 -14.47 32.37
C TYR D 152 -13.72 -16.00 32.41
N TRP D 153 -12.91 -16.66 33.24
CA TRP D 153 -13.03 -18.09 33.42
C TRP D 153 -14.43 -18.46 33.93
N GLU D 154 -14.91 -17.79 34.97
CA GLU D 154 -16.22 -18.10 35.50
C GLU D 154 -17.29 -17.85 34.44
N ILE D 155 -17.16 -16.75 33.71
CA ILE D 155 -18.12 -16.40 32.66
C ILE D 155 -18.19 -17.45 31.55
N CYS D 156 -17.03 -17.86 31.05
CA CYS D 156 -16.94 -18.84 29.97
C CYS D 156 -17.38 -20.23 30.40
N SER D 157 -16.95 -20.65 31.60
CA SER D 157 -17.34 -21.95 32.10
C SER D 157 -18.85 -22.00 32.36
N THR D 158 -19.44 -20.87 32.78
CA THR D 158 -20.88 -20.83 33.01
C THR D 158 -21.64 -21.23 31.76
N THR D 159 -21.29 -20.65 30.62
CA THR D 159 -21.93 -20.98 29.33
C THR D 159 -21.61 -22.40 28.89
N LEU D 160 -20.34 -22.80 28.99
CA LEU D 160 -19.95 -24.15 28.62
C LEU D 160 -20.70 -25.24 29.41
N LEU D 161 -20.96 -24.99 30.70
CA LEU D 161 -21.64 -25.97 31.57
C LEU D 161 -23.11 -26.19 31.24
N VAL D 162 -23.68 -25.27 30.46
CA VAL D 162 -25.07 -25.39 30.00
C VAL D 162 -25.17 -26.57 29.03
N PHE D 163 -24.21 -26.65 28.10
CA PHE D 163 -24.20 -27.70 27.09
C PHE D 163 -23.43 -28.96 27.49
N LYS D 164 -22.55 -28.83 28.49
CA LYS D 164 -21.79 -29.99 28.97
C LYS D 164 -21.60 -29.89 30.49
N PRO D 165 -22.66 -30.28 31.25
CA PRO D 165 -22.70 -30.22 32.72
C PRO D 165 -21.58 -30.97 33.45
N ASP D 166 -21.02 -32.01 32.83
CA ASP D 166 -19.95 -32.78 33.46
C ASP D 166 -18.55 -32.27 33.12
N LEU D 167 -18.48 -31.07 32.53
CA LEU D 167 -17.23 -30.47 32.08
C LEU D 167 -16.13 -30.48 33.13
N LEU D 168 -16.50 -30.16 34.37
CA LEU D 168 -15.52 -30.05 35.44
C LEU D 168 -15.54 -31.18 36.46
N ASP D 169 -16.01 -32.36 36.04
CA ASP D 169 -16.09 -33.52 36.95
C ASP D 169 -14.76 -33.95 37.52
N ASN D 170 -13.74 -34.10 36.69
CA ASN D 170 -12.41 -34.39 37.23
C ASN D 170 -11.53 -33.15 37.44
N HIS D 171 -12.17 -31.99 37.68
CA HIS D 171 -11.44 -30.73 37.91
C HIS D 171 -12.03 -29.88 39.04
N PRO D 172 -12.13 -30.41 40.27
CA PRO D 172 -12.70 -29.67 41.41
C PRO D 172 -11.97 -28.35 41.68
N ARG D 173 -10.70 -28.28 41.31
CA ARG D 173 -9.89 -27.09 41.49
C ARG D 173 -10.45 -25.91 40.66
N LEU D 174 -10.98 -26.22 39.48
CA LEU D 174 -11.59 -25.21 38.60
C LEU D 174 -13.01 -24.82 39.07
N VAL D 175 -13.67 -25.73 39.78
CA VAL D 175 -15.02 -25.46 40.31
C VAL D 175 -14.93 -24.50 41.50
N THR D 176 -13.91 -24.68 42.33
CA THR D 176 -13.66 -23.84 43.48
C THR D 176 -13.39 -22.42 43.04
N LEU D 177 -12.60 -22.26 41.97
CA LEU D 177 -12.28 -20.93 41.43
C LEU D 177 -13.56 -20.21 41.03
N ARG D 178 -14.46 -20.95 40.39
CA ARG D 178 -15.77 -20.48 39.96
C ARG D 178 -16.58 -20.03 41.16
N LYS D 179 -16.67 -20.87 42.18
CA LYS D 179 -17.38 -20.53 43.41
C LYS D 179 -16.77 -19.30 44.09
N LYS D 180 -15.44 -19.20 44.06
CA LYS D 180 -14.74 -18.04 44.63
C LYS D 180 -15.09 -16.72 43.91
N VAL D 181 -15.13 -16.75 42.58
CA VAL D 181 -15.51 -15.56 41.80
C VAL D 181 -16.97 -15.17 42.09
N GLN D 182 -17.84 -16.17 42.09
CA GLN D 182 -19.27 -15.98 42.34
C GLN D 182 -19.57 -15.50 43.75
N ALA D 183 -18.60 -15.67 44.65
CA ALA D 183 -18.74 -15.26 46.04
C ALA D 183 -18.38 -13.80 46.28
N ILE D 184 -17.53 -13.22 45.43
CA ILE D 184 -17.18 -11.78 45.56
C ILE D 184 -18.51 -11.05 45.64
N PRO D 185 -18.72 -10.25 46.71
CA PRO D 185 -19.99 -9.54 46.95
C PRO D 185 -20.57 -8.79 45.75
N ALA D 186 -19.75 -7.96 45.10
CA ALA D 186 -20.20 -7.23 43.94
C ALA D 186 -20.64 -8.17 42.80
N VAL D 187 -19.96 -9.30 42.66
CA VAL D 187 -20.30 -10.29 41.63
C VAL D 187 -21.57 -11.05 42.06
N ALA D 188 -21.61 -11.47 43.32
CA ALA D 188 -22.78 -12.15 43.85
C ALA D 188 -24.05 -11.33 43.58
N ASN D 189 -23.98 -10.04 43.88
CA ASN D 189 -25.12 -9.13 43.71
C ASN D 189 -25.50 -8.95 42.26
N TRP D 190 -24.51 -8.83 41.38
CA TRP D 190 -24.81 -8.74 39.95
C TRP D 190 -25.46 -10.04 39.45
N ILE D 191 -24.95 -11.19 39.93
CA ILE D 191 -25.52 -12.50 39.57
C ILE D 191 -27.02 -12.58 39.94
N LYS D 192 -27.39 -11.87 41.00
CA LYS D 192 -28.80 -11.81 41.46
C LYS D 192 -29.63 -10.75 40.72
N ARG D 193 -29.02 -9.61 40.41
CA ARG D 193 -29.73 -8.53 39.73
C ARG D 193 -29.93 -8.74 38.24
N ARG D 194 -28.96 -9.34 37.57
CA ARG D 194 -28.98 -9.51 36.10
C ARG D 194 -30.18 -10.33 35.63
N PRO D 195 -30.72 -9.99 34.43
CA PRO D 195 -31.76 -10.77 33.80
C PRO D 195 -31.30 -12.20 33.68
N GLN D 196 -32.18 -13.16 33.97
CA GLN D 196 -31.84 -14.57 33.83
C GLN D 196 -32.02 -14.95 32.36
N THR D 197 -30.92 -15.17 31.66
CA THR D 197 -30.95 -15.59 30.26
C THR D 197 -30.22 -16.91 30.12
N LYS D 198 -30.46 -17.61 29.00
CA LYS D 198 -29.78 -18.87 28.75
C LYS D 198 -28.30 -18.67 28.51
N LEU D 199 -27.98 -17.78 27.56
CA LEU D 199 -26.61 -17.49 27.18
C LEU D 199 -26.19 -16.08 27.61
MG MG E . 9.39 11.29 -19.56
N1 GSH F . 14.56 10.10 -22.53
CA1 GSH F . 15.50 9.74 -23.58
C1 GSH F . 14.97 8.58 -24.38
O11 GSH F . 15.28 8.47 -25.59
O12 GSH F . 14.23 7.74 -23.81
CB1 GSH F . 16.83 9.34 -23.00
CG1 GSH F . 17.90 9.10 -24.06
CD1 GSH F . 19.24 8.82 -23.40
OE1 GSH F . 19.55 9.39 -22.15
N2 GSH F . 20.06 7.99 -24.01
CA2 GSH F . 21.28 7.56 -23.36
C2 GSH F . 22.45 8.37 -23.79
O2 GSH F . 22.58 8.83 -25.11
CB2 GSH F . 21.54 6.07 -23.66
SG2 GSH F . 20.60 4.99 -22.56
N3 GSH F . 23.37 8.62 -22.85
CA3 GSH F . 24.80 8.70 -23.14
C3 GSH F . 25.16 10.10 -23.58
O31 GSH F . 26.33 10.39 -23.95
O32 GSH F . 24.27 10.99 -23.61
N1 GSH G . 6.05 12.94 -14.72
CA1 GSH G . 4.95 13.28 -13.82
C1 GSH G . 4.01 14.24 -14.49
O11 GSH G . 2.81 14.32 -14.12
O12 GSH G . 4.39 14.94 -15.44
CB1 GSH G . 5.48 13.86 -12.50
CG1 GSH G . 4.35 14.05 -11.48
CD1 GSH G . 4.93 14.59 -10.19
OE1 GSH G . 6.04 13.95 -9.62
N2 GSH G . 4.38 15.67 -9.63
CA2 GSH G . 4.84 16.20 -8.33
C2 GSH G . 4.23 15.50 -7.15
O2 GSH G . 3.11 14.70 -7.36
CB2 GSH G . 4.53 17.69 -8.25
SG2 GSH G . 5.36 18.52 -9.64
N3 GSH G . 4.77 15.67 -5.94
CA3 GSH G . 4.03 15.33 -4.74
C3 GSH G . 4.35 13.93 -4.27
O31 GSH G . 3.79 13.50 -3.23
O32 GSH G . 5.14 13.17 -4.89
C1 D26 H . 8.07 22.46 -7.17
C2 D26 H . 7.72 21.66 -8.27
C3 D26 H . 7.85 22.02 -9.69
C6 D26 H . 7.80 21.71 -6.07
N11 D26 H . 8.09 23.18 -11.66
C12 D26 H . 8.12 22.03 -12.33
C13 D26 H . 8.21 21.74 -13.78
C14 D26 H . 8.00 22.74 -14.72
C15 D26 H . 8.04 22.42 -16.06
C16 D26 H . 8.29 21.12 -16.47
C17 D26 H . 8.49 20.12 -15.54
C18 D26 H . 8.45 20.42 -14.19
N6 D26 H . 7.29 20.49 -7.87
S3 D26 H . 7.93 20.84 -11.02
C4 D26 H . 7.97 23.21 -10.35
N10 D26 H . 7.32 20.51 -6.48
MG MG I . -8.94 -12.90 20.15
N1 GSH J . -4.61 -17.02 19.56
CA1 GSH J . -3.44 -17.86 19.59
C1 GSH J . -2.22 -17.00 19.39
O11 GSH J . -1.09 -17.37 19.76
O12 GSH J . -2.31 -15.87 18.87
CB1 GSH J . -3.53 -19.01 18.57
CG1 GSH J . -2.31 -19.92 18.65
CD1 GSH J . -2.40 -21.10 17.69
OE1 GSH J . -3.63 -21.78 17.54
N2 GSH J . -1.28 -21.44 17.03
CA2 GSH J . -1.22 -22.50 16.05
C2 GSH J . -0.80 -23.80 16.64
O2 GSH J . 0.10 -23.84 17.71
CB2 GSH J . -0.17 -22.16 15.01
SG2 GSH J . -0.65 -20.67 14.14
N3 GSH J . -1.31 -24.88 16.05
CA3 GSH J . -0.72 -26.20 16.21
C3 GSH J . -1.62 -27.02 17.11
O31 GSH J . -1.24 -28.13 17.53
O32 GSH J . -2.74 -26.58 17.45
C1 D26 K . -0.94 -22.15 9.13
C2 D26 K . -1.38 -21.32 10.17
C3 D26 K . -1.54 -19.86 10.14
C6 D26 K . -0.90 -23.42 9.61
N11 D26 K . -1.47 -17.63 9.46
C12 D26 K . -1.98 -17.25 10.63
C13 D26 K . -2.31 -15.91 11.15
C14 D26 K . -1.65 -14.77 10.66
C15 D26 K . -1.93 -13.51 11.15
C16 D26 K . -2.90 -13.37 12.14
C17 D26 K . -3.55 -14.49 12.64
C18 D26 K . -3.27 -15.76 12.15
N6 D26 K . -1.58 -22.08 11.23
S3 D26 K . -2.16 -18.83 11.47
C4 D26 K . -1.24 -18.91 9.19
N10 D26 K . -1.30 -23.41 10.89
N1 GSH L . -14.41 -10.48 19.39
CA1 GSH L . -15.58 -9.62 19.35
C1 GSH L . -15.89 -9.13 20.75
O11 GSH L . -16.47 -8.05 20.94
O12 GSH L . -15.53 -9.79 21.76
CB1 GSH L . -16.73 -10.41 18.72
CG1 GSH L . -17.94 -9.54 18.38
CD1 GSH L . -19.10 -10.36 17.86
OE1 GSH L . -18.89 -11.37 16.90
N2 GSH L . -20.30 -10.10 18.36
CA2 GSH L . -21.51 -10.79 17.91
C2 GSH L . -22.24 -9.99 16.88
O2 GSH L . -22.13 -8.59 16.86
CB2 GSH L . -22.50 -11.02 19.05
SG2 GSH L . -21.83 -12.12 20.31
N3 GSH L . -22.99 -10.65 16.02
CA3 GSH L . -24.14 -10.05 15.36
C3 GSH L . -23.91 -9.95 13.88
O31 GSH L . -24.72 -9.34 13.14
O32 GSH L . -22.89 -10.48 13.35
C1 D26 M . -25.02 -16.63 20.68
C2 D26 M . -23.94 -15.79 21.03
C3 D26 M . -22.96 -16.00 22.12
C6 D26 M . -25.63 -16.07 19.63
N11 D26 M . -21.99 -16.64 24.12
C12 D26 M . -20.82 -16.14 23.71
C13 D26 M . -19.51 -16.06 24.40
C14 D26 M . -19.40 -16.28 25.78
C15 D26 M . -18.17 -16.17 26.40
C16 D26 M . -17.05 -15.81 25.67
C17 D26 M . -17.16 -15.56 24.31
C18 D26 M . -18.38 -15.68 23.67
N6 D26 M . -23.93 -14.76 20.21
S3 D26 M . -21.23 -15.53 22.09
C4 D26 M . -23.05 -16.60 23.35
N10 D26 M . -24.98 -14.92 19.32
#